data_8Q51
#
_entry.id   8Q51
#
_cell.length_a   1.00
_cell.length_b   1.00
_cell.length_c   1.00
_cell.angle_alpha   90.00
_cell.angle_beta   90.00
_cell.angle_gamma   90.00
#
_symmetry.space_group_name_H-M   'P 1'
#
_entity_poly.entity_id   1
_entity_poly.type   'polypeptide(L)'
_entity_poly.pdbx_seq_one_letter_code
;MKKAISCVFLISALILSSFQVPVQGQAMSKTTSAAGNSVSYDGERRVNFNENWRFQRETNGSIAGAQNPGFDDSSWRKLN
LPHDWSIELDFNKNSLATHEGGYLDGGIGWYRKTFTIPESMKGKRISLDFDGVYMNSTTYLNGEVLGTYPFGYNAFSYDI
SDKLYKDGRANVLVVKVNNTQPSSRWYSGSGIYRNVYLTVTDPIHVARYGTFVTTPNLEKSIKEDRADVNIKTKISNDAA
EAKQVKIKSTIYDGAGNTVQTVETEEKTAAAGTVTPFEQNTVIKQPKLWSIDKPYRYNLVTEVIVGGQTVDTYETKFGVR
YFKFDENEGFSLNGEYMKLHGVSMHHDLGALGAATNARGVERQMQIMKDMGVNAIRVTHNPASPELLEAANKLGLFIIEE
AFDSWAQSKKPYDYGRFFNAWAEHDIKEMVDRGKNEPAIIMWSIGNEIYDTTNAAGVETARNLVGWVKEIDTTRPTTIGE
DKTRGDKVNVTPINSYIKEIFNIVDVVGLNYSENNYDGYHKQNPSWKLYGSETSSATRSRGVYTHPYQYNQSTKYADLQQ
SSYDNDYVGWGRTAEDAWKYDRDLKHIAGQFIWTGFDYIGEPTPYYNSYPAKSSYFGAVDTAGFPKDIFYYYQSQWKKEP
MVHLLPHWNWKEGEKVRVLAYTNASKVELVLNGESLGEKNYDNKQTSWGAPYKETKDGKTYLEWAVPFKPGKLEAVAKDE
NGKVIARDQVVTAGEPASVRLTADRKVVKADGTDLSFITADIVDSKGIVVPDADHLITFNVTGQGELAGVDNGNASSVER
YKDNKRKAFSGKALAIVQSSKLSGKITVHASVAGLSSDSTSVFTVTPADHDKKIVAGIDDVNLTVDVNEAPKLPSEIKVY
YSDESAAAKNVTWDEVDPKQYSTVGEFTVEGSVEGTSLKAKAFVIVKGIVAVKPYSTATKVGVQPVLPEKATLLYSDGTT
KGATVTWDEIPEDKLAKEGRFTVEGSVEGTDLKANVYVRVTNEVKSVNIMLQEQGSAYPKLEATFTNPADNLQHLNDGIK
SYTNNPVNRWTNWTRTPRDAGDSITVNFGKKHVINNLDLFVFTDSGTVVPEKAEVQYWDGTAWKDVENLTQPSPYVVEKN
ELTFDAVATEKLKFHLTPSVKGKFLALTEAEVYADQIVMGETAKLQSITVNGKALEGFDHAKKNYELVLPYGSELPKIEA
AAADNATVTILPAFSYPGTAKLFVTSEDGKVTTEYSIGVSTEEPKLVSAELSADKTNVMEDDIIDLKVIGLFESKEKIDV
TDSQPTYEFDQQIIKIEGNKLYALETGNVKVKVTVTYKGVSVTTPALEFTIAKNPAPKYITSLEPVTVVVKKGEAPELPA
TVVAHYNRGIPRDVKVKWERINPSKYQQLGEFTVSGMVEGTDIKAQAKVIVKGAVAVEDIRMAVLLKQMPQLPGKVTVYY
SDGAEEQRAVKWEEIPQEELENVGEFKVKGDVNGVKLKATATIRVTDEVGGEQNISRAKNGYEYPKAEASFTNNGPGSSD
RIEAINDDVISYEANPHNRWTNWQPVPRAGDWVSITFGDYEPTEYDVDSMEIHWFADHGTSYPERFQIEYKSGDSWKEVT
SLKSDPASPALGKANVYSFDRVKTSAIRVKMTAQAGKSLAITELKVFSKWPKAGTEPEVTDIKVGGKSILEDFEQKGDHY
EVTIDAGDANVMPKINVKAKDQTSITIVPAVTSPSTAKVIAKSEDGKKVKVYSIHYK
;
_entity_poly.pdbx_strand_id   A
#
# COMPACT_ATOMS: atom_id res chain seq x y z
N GLY A 36 9.54 -37.42 -6.79
CA GLY A 36 10.44 -36.25 -6.52
C GLY A 36 11.34 -35.94 -7.71
N ASN A 37 11.09 -34.79 -8.34
CA ASN A 37 11.87 -34.39 -9.51
C ASN A 37 13.29 -34.01 -9.11
N SER A 38 14.18 -34.03 -10.10
CA SER A 38 15.58 -33.72 -9.90
C SER A 38 15.84 -32.23 -10.07
N VAL A 39 16.87 -31.75 -9.38
CA VAL A 39 17.23 -30.34 -9.46
C VAL A 39 17.99 -30.06 -10.75
N SER A 40 17.73 -28.90 -11.35
CA SER A 40 18.29 -28.55 -12.64
C SER A 40 19.73 -28.05 -12.51
N TYR A 41 20.65 -28.95 -12.17
CA TYR A 41 22.06 -28.61 -12.13
C TYR A 41 22.73 -28.95 -13.44
N ASP A 42 23.48 -27.99 -13.99
CA ASP A 42 24.23 -28.20 -15.22
C ASP A 42 25.64 -27.65 -15.18
N GLY A 43 26.07 -27.02 -14.09
CA GLY A 43 27.40 -26.45 -14.00
C GLY A 43 27.45 -25.17 -13.19
N GLU A 44 26.30 -24.54 -12.99
CA GLU A 44 26.24 -23.34 -12.16
C GLU A 44 26.63 -23.68 -10.72
N ARG A 45 27.38 -22.78 -10.09
CA ARG A 45 27.86 -23.05 -8.73
C ARG A 45 26.71 -23.01 -7.73
N ARG A 46 25.82 -22.03 -7.83
CA ARG A 46 24.68 -21.89 -6.96
C ARG A 46 23.41 -22.16 -7.76
N VAL A 47 22.56 -23.03 -7.23
CA VAL A 47 21.36 -23.49 -7.91
C VAL A 47 20.15 -22.96 -7.17
N ASN A 48 19.19 -22.41 -7.92
CA ASN A 48 17.95 -21.95 -7.31
C ASN A 48 17.15 -23.14 -6.78
N PHE A 49 16.36 -22.90 -5.74
CA PHE A 49 15.62 -23.96 -5.07
C PHE A 49 14.21 -23.52 -4.71
N ASN A 50 13.60 -22.63 -5.50
CA ASN A 50 12.32 -22.03 -5.15
C ASN A 50 11.14 -22.79 -5.73
N GLU A 51 11.36 -23.93 -6.37
CA GLU A 51 10.32 -24.53 -7.18
C GLU A 51 9.52 -25.58 -6.41
N ASN A 52 8.20 -25.49 -6.53
CA ASN A 52 7.25 -26.53 -6.11
C ASN A 52 7.52 -27.02 -4.69
N TRP A 53 7.41 -26.10 -3.73
CA TRP A 53 7.31 -26.47 -2.34
C TRP A 53 5.85 -26.76 -1.99
N ARG A 54 5.63 -27.30 -0.80
CA ARG A 54 4.29 -27.55 -0.29
C ARG A 54 4.17 -26.97 1.11
N PHE A 55 3.04 -26.30 1.36
CA PHE A 55 2.87 -25.47 2.54
C PHE A 55 1.57 -25.84 3.23
N GLN A 56 1.54 -25.66 4.55
CA GLN A 56 0.32 -25.84 5.32
C GLN A 56 0.46 -25.10 6.64
N ARG A 57 -0.54 -24.29 6.96
CA ARG A 57 -0.57 -23.52 8.20
C ARG A 57 -1.26 -24.33 9.28
N GLU A 58 -0.92 -24.06 10.53
CA GLU A 58 -1.55 -24.73 11.66
C GLU A 58 -2.76 -23.91 12.10
N THR A 59 -3.94 -24.50 12.00
CA THR A 59 -5.19 -23.87 12.40
C THR A 59 -5.96 -24.66 13.44
N ASN A 60 -5.75 -25.97 13.52
CA ASN A 60 -6.47 -26.85 14.43
C ASN A 60 -5.51 -27.68 15.25
N GLY A 61 -4.50 -27.03 15.83
CA GLY A 61 -3.53 -27.72 16.67
C GLY A 61 -2.30 -28.15 15.91
N SER A 62 -1.33 -28.65 16.68
CA SER A 62 -0.05 -29.04 16.11
C SER A 62 -0.24 -30.17 15.10
N ILE A 63 0.38 -30.04 13.94
CA ILE A 63 0.31 -31.06 12.89
C ILE A 63 1.44 -32.05 13.17
N ALA A 64 1.09 -33.19 13.77
CA ALA A 64 2.09 -34.15 14.20
C ALA A 64 2.58 -35.00 13.02
N GLY A 65 3.87 -35.31 13.04
CA GLY A 65 4.46 -36.18 12.05
C GLY A 65 4.89 -35.50 10.77
N ALA A 66 4.64 -34.20 10.61
CA ALA A 66 5.00 -33.52 9.37
C ALA A 66 6.50 -33.52 9.16
N GLN A 67 7.29 -33.63 10.23
CA GLN A 67 8.74 -33.55 10.10
C GLN A 67 9.29 -34.72 9.29
N ASN A 68 8.75 -35.91 9.46
CA ASN A 68 9.35 -37.10 8.91
C ASN A 68 8.85 -37.39 7.50
N PRO A 69 9.62 -38.12 6.69
CA PRO A 69 9.18 -38.37 5.31
C PRO A 69 7.88 -39.13 5.20
N GLY A 70 7.54 -39.94 6.20
CA GLY A 70 6.36 -40.80 6.11
C GLY A 70 5.05 -40.04 5.98
N PHE A 71 5.05 -38.74 6.27
CA PHE A 71 3.83 -37.95 6.18
C PHE A 71 3.28 -37.94 4.76
N ASP A 72 1.97 -37.82 4.65
CA ASP A 72 1.27 -37.68 3.37
C ASP A 72 0.75 -36.25 3.26
N ASP A 73 1.35 -35.49 2.34
CA ASP A 73 1.01 -34.08 2.15
C ASP A 73 0.37 -33.82 0.80
N SER A 74 -0.17 -34.85 0.15
CA SER A 74 -0.70 -34.68 -1.21
C SER A 74 -1.82 -33.65 -1.25
N SER A 75 -2.53 -33.46 -0.14
CA SER A 75 -3.60 -32.48 -0.09
C SER A 75 -3.10 -31.06 0.09
N TRP A 76 -1.82 -30.88 0.45
CA TRP A 76 -1.31 -29.55 0.71
C TRP A 76 -1.10 -28.78 -0.58
N ARG A 77 -1.22 -27.46 -0.49
CA ARG A 77 -1.12 -26.63 -1.68
C ARG A 77 0.32 -26.57 -2.16
N LYS A 78 0.52 -26.74 -3.47
CA LYS A 78 1.81 -26.50 -4.06
C LYS A 78 2.09 -25.00 -4.07
N LEU A 79 3.37 -24.63 -4.10
CA LEU A 79 3.74 -23.23 -4.00
C LEU A 79 5.18 -23.02 -4.45
N ASN A 80 5.42 -21.86 -5.04
CA ASN A 80 6.77 -21.39 -5.30
C ASN A 80 7.27 -20.63 -4.09
N LEU A 81 8.55 -20.78 -3.77
CA LEU A 81 8.99 -20.58 -2.39
C LEU A 81 8.90 -19.14 -1.91
N PRO A 82 9.49 -18.15 -2.56
CA PRO A 82 9.62 -16.85 -1.90
C PRO A 82 8.27 -16.20 -1.71
N HIS A 83 7.77 -16.23 -0.48
CA HIS A 83 6.44 -15.72 -0.21
C HIS A 83 6.27 -15.54 1.29
N ASP A 84 5.22 -14.80 1.64
CA ASP A 84 4.84 -14.53 3.02
C ASP A 84 3.43 -15.06 3.21
N TRP A 85 3.22 -15.90 4.22
CA TRP A 85 1.90 -16.48 4.44
C TRP A 85 1.07 -15.72 5.46
N SER A 86 1.53 -14.57 5.93
CA SER A 86 0.68 -13.70 6.73
C SER A 86 -0.07 -12.70 5.87
N ILE A 87 0.56 -12.19 4.81
CA ILE A 87 -0.09 -11.19 3.97
C ILE A 87 -1.32 -11.74 3.28
N GLU A 88 -1.39 -13.05 3.07
CA GLU A 88 -2.52 -13.64 2.38
C GLU A 88 -3.77 -13.70 3.24
N LEU A 89 -3.63 -13.66 4.56
CA LEU A 89 -4.74 -13.87 5.46
C LEU A 89 -5.58 -12.61 5.61
N ASP A 90 -6.74 -12.78 6.23
CA ASP A 90 -7.66 -11.67 6.47
C ASP A 90 -7.32 -10.98 7.79
N PHE A 91 -7.45 -9.67 7.81
CA PHE A 91 -7.18 -8.91 9.02
C PHE A 91 -8.16 -9.33 10.12
N ASN A 92 -7.62 -9.76 11.25
CA ASN A 92 -8.41 -10.29 12.36
C ASN A 92 -8.27 -9.33 13.54
N LYS A 93 -9.41 -8.84 14.02
CA LYS A 93 -9.40 -7.89 15.13
C LYS A 93 -8.89 -8.52 16.41
N ASN A 94 -9.28 -9.76 16.68
CA ASN A 94 -8.92 -10.45 17.92
C ASN A 94 -7.54 -11.08 17.88
N SER A 95 -6.81 -10.95 16.77
CA SER A 95 -5.55 -11.66 16.63
C SER A 95 -4.53 -11.17 17.66
N LEU A 96 -3.65 -12.09 18.06
CA LEU A 96 -2.55 -11.72 18.94
C LEU A 96 -1.66 -10.66 18.32
N ALA A 97 -1.69 -10.51 16.99
CA ALA A 97 -0.97 -9.44 16.34
C ALA A 97 -1.61 -8.11 16.71
N THR A 98 -1.00 -7.39 17.64
CA THR A 98 -1.54 -6.09 18.02
C THR A 98 -1.47 -5.13 16.84
N HIS A 99 -2.02 -3.94 17.03
CA HIS A 99 -2.09 -2.97 15.95
C HIS A 99 -0.71 -2.64 15.37
N GLU A 100 0.34 -2.82 16.17
CA GLU A 100 1.69 -2.61 15.66
C GLU A 100 1.98 -3.53 14.50
N GLY A 101 1.58 -4.80 14.61
CA GLY A 101 1.79 -5.78 13.58
C GLY A 101 0.77 -5.78 12.46
N GLY A 102 -0.18 -4.86 12.49
CA GLY A 102 -1.16 -4.76 11.42
C GLY A 102 -2.31 -5.73 11.51
N TYR A 103 -2.46 -6.43 12.64
CA TYR A 103 -3.53 -7.39 12.87
C TYR A 103 -3.45 -8.62 11.97
N LEU A 104 -2.37 -8.76 11.19
CA LEU A 104 -2.22 -9.93 10.34
C LEU A 104 -1.68 -11.08 11.18
N ASP A 105 -2.44 -12.17 11.24
CA ASP A 105 -2.13 -13.26 12.13
C ASP A 105 -0.84 -13.96 11.70
N GLY A 106 -0.22 -14.65 12.66
CA GLY A 106 0.95 -15.46 12.41
C GLY A 106 0.72 -16.90 12.80
N GLY A 107 1.61 -17.46 13.61
CA GLY A 107 1.44 -18.82 14.11
C GLY A 107 2.52 -19.76 13.64
N ILE A 108 2.20 -21.05 13.56
CA ILE A 108 3.15 -22.08 13.17
C ILE A 108 2.81 -22.54 11.76
N GLY A 109 3.81 -22.58 10.89
CA GLY A 109 3.63 -23.04 9.54
C GLY A 109 4.69 -24.07 9.17
N TRP A 110 4.32 -24.96 8.27
CA TRP A 110 5.18 -26.06 7.83
C TRP A 110 5.42 -25.96 6.34
N TYR A 111 6.68 -26.14 5.93
CA TYR A 111 7.07 -26.28 4.54
C TYR A 111 7.62 -27.69 4.33
N ARG A 112 7.31 -28.28 3.17
CA ARG A 112 7.82 -29.60 2.84
C ARG A 112 8.12 -29.66 1.35
N LYS A 113 9.32 -30.13 1.02
CA LYS A 113 9.73 -30.31 -0.36
C LYS A 113 10.42 -31.65 -0.51
N THR A 114 9.97 -32.44 -1.48
CA THR A 114 10.58 -33.72 -1.81
C THR A 114 11.33 -33.57 -3.12
N PHE A 115 12.54 -34.13 -3.18
CA PHE A 115 13.37 -33.95 -4.36
C PHE A 115 14.39 -35.07 -4.44
N THR A 116 15.04 -35.17 -5.60
CA THR A 116 16.14 -36.08 -5.83
C THR A 116 17.30 -35.29 -6.44
N ILE A 117 18.46 -35.95 -6.54
CA ILE A 117 19.70 -35.32 -6.94
C ILE A 117 20.17 -35.96 -8.23
N PRO A 118 20.55 -35.20 -9.25
CA PRO A 118 21.11 -35.82 -10.46
C PRO A 118 22.47 -36.43 -10.19
N GLU A 119 22.83 -37.39 -11.05
CA GLU A 119 24.14 -38.02 -10.92
C GLU A 119 25.25 -37.02 -11.18
N SER A 120 25.03 -36.07 -12.08
CA SER A 120 26.06 -35.08 -12.38
C SER A 120 26.47 -34.32 -11.13
N MET A 121 25.57 -34.18 -10.17
CA MET A 121 25.87 -33.51 -8.91
C MET A 121 26.35 -34.48 -7.84
N LYS A 122 26.16 -35.78 -8.04
CA LYS A 122 26.60 -36.76 -7.05
C LYS A 122 28.12 -36.74 -6.93
N GLY A 123 28.59 -36.84 -5.69
CA GLY A 123 30.02 -36.90 -5.44
C GLY A 123 30.71 -35.59 -5.23
N LYS A 124 30.04 -34.61 -4.62
CA LYS A 124 30.67 -33.33 -4.33
C LYS A 124 29.90 -32.63 -3.23
N ARG A 125 30.52 -31.61 -2.65
CA ARG A 125 29.96 -30.95 -1.47
C ARG A 125 28.64 -30.28 -1.80
N ILE A 126 27.66 -30.46 -0.93
CA ILE A 126 26.32 -29.91 -1.10
C ILE A 126 25.95 -29.22 0.21
N SER A 127 25.49 -27.97 0.11
CA SER A 127 25.08 -27.20 1.27
C SER A 127 23.85 -26.39 0.93
N LEU A 128 22.89 -26.35 1.86
CA LEU A 128 21.61 -25.69 1.65
C LEU A 128 21.66 -24.31 2.30
N ASP A 129 21.45 -23.26 1.50
CA ASP A 129 21.54 -21.88 1.94
C ASP A 129 20.14 -21.28 1.99
N PHE A 130 19.75 -20.79 3.16
CA PHE A 130 18.54 -20.00 3.32
C PHE A 130 18.93 -18.53 3.44
N ASP A 131 18.20 -17.66 2.75
CA ASP A 131 18.42 -16.23 2.92
C ASP A 131 17.53 -15.62 3.99
N GLY A 132 16.52 -16.34 4.47
CA GLY A 132 15.74 -15.85 5.58
C GLY A 132 14.51 -16.66 5.93
N VAL A 133 14.31 -16.91 7.22
CA VAL A 133 13.09 -17.51 7.75
C VAL A 133 12.78 -16.78 9.05
N TYR A 134 11.51 -16.38 9.24
CA TYR A 134 11.26 -15.22 10.08
C TYR A 134 11.57 -15.49 11.56
N MET A 135 11.08 -16.59 12.12
CA MET A 135 11.36 -16.93 13.51
C MET A 135 11.50 -18.41 13.75
N ASN A 136 12.50 -18.73 14.57
CA ASN A 136 12.58 -20.00 15.30
C ASN A 136 12.38 -21.18 14.36
N SER A 137 12.97 -21.09 13.17
CA SER A 137 12.76 -22.13 12.17
C SER A 137 13.67 -23.32 12.43
N THR A 138 13.05 -24.49 12.61
CA THR A 138 13.77 -25.75 12.77
C THR A 138 13.57 -26.57 11.51
N THR A 139 14.66 -26.94 10.86
CA THR A 139 14.61 -27.65 9.59
C THR A 139 15.05 -29.09 9.82
N TYR A 140 14.21 -30.03 9.38
CA TYR A 140 14.54 -31.44 9.41
C TYR A 140 14.92 -31.90 8.01
N LEU A 141 15.50 -33.09 7.92
CA LEU A 141 15.85 -33.66 6.63
C LEU A 141 15.93 -35.17 6.79
N ASN A 142 15.15 -35.90 5.99
CA ASN A 142 15.11 -37.35 6.05
C ASN A 142 14.83 -37.81 7.47
N GLY A 143 13.92 -37.12 8.15
CA GLY A 143 13.52 -37.50 9.47
C GLY A 143 14.53 -37.22 10.57
N GLU A 144 15.46 -36.30 10.35
CA GLU A 144 16.44 -35.92 11.36
C GLU A 144 16.56 -34.42 11.41
N VAL A 145 16.90 -33.91 12.60
CA VAL A 145 17.02 -32.47 12.78
C VAL A 145 18.29 -31.98 12.10
N LEU A 146 18.16 -30.93 11.30
CA LEU A 146 19.30 -30.34 10.61
C LEU A 146 19.87 -29.14 11.33
N GLY A 147 19.08 -28.50 12.18
CA GLY A 147 19.55 -27.36 12.93
C GLY A 147 18.38 -26.49 13.36
N THR A 148 18.72 -25.32 13.87
CA THR A 148 17.74 -24.32 14.25
C THR A 148 18.38 -22.95 14.12
N TYR A 149 17.54 -21.93 13.98
CA TYR A 149 18.02 -20.56 13.81
C TYR A 149 16.95 -19.61 14.32
N PRO A 150 17.14 -19.01 15.50
CA PRO A 150 16.11 -18.09 16.02
C PRO A 150 15.99 -16.80 15.22
N PHE A 151 17.10 -16.13 14.95
CA PHE A 151 17.03 -14.80 14.34
C PHE A 151 16.38 -14.88 12.97
N GLY A 152 15.74 -13.79 12.57
CA GLY A 152 14.86 -13.82 11.42
C GLY A 152 15.44 -13.33 10.12
N TYR A 153 16.27 -12.29 10.17
CA TYR A 153 16.66 -11.56 8.98
C TYR A 153 18.06 -11.89 8.48
N ASN A 154 18.67 -12.96 8.97
CA ASN A 154 20.02 -13.35 8.57
C ASN A 154 19.97 -14.61 7.73
N ALA A 155 20.84 -14.68 6.73
CA ALA A 155 20.99 -15.88 5.94
C ALA A 155 21.77 -16.92 6.73
N PHE A 156 21.28 -18.16 6.74
CA PHE A 156 21.95 -19.26 7.42
C PHE A 156 22.01 -20.47 6.50
N SER A 157 23.00 -21.32 6.74
CA SER A 157 23.29 -22.45 5.88
C SER A 157 23.52 -23.71 6.70
N TYR A 158 23.33 -24.85 6.06
CA TYR A 158 23.58 -26.15 6.66
C TYR A 158 24.33 -27.02 5.65
N ASP A 159 25.26 -27.81 6.16
CA ASP A 159 25.98 -28.75 5.31
C ASP A 159 25.11 -29.99 5.12
N ILE A 160 24.76 -30.27 3.86
CA ILE A 160 23.80 -31.31 3.54
C ILE A 160 24.45 -32.52 2.89
N SER A 161 25.74 -32.44 2.55
CA SER A 161 26.36 -33.42 1.66
C SER A 161 26.13 -34.85 2.12
N ASP A 162 26.33 -35.11 3.41
CA ASP A 162 26.24 -36.49 3.89
C ASP A 162 24.80 -36.97 4.03
N LYS A 163 23.89 -36.09 4.46
CA LYS A 163 22.56 -36.54 4.84
C LYS A 163 21.72 -36.99 3.65
N LEU A 164 22.03 -36.52 2.44
CA LEU A 164 21.22 -36.90 1.29
C LEU A 164 21.38 -38.39 0.99
N TYR A 165 20.39 -38.93 0.28
CA TYR A 165 20.46 -40.32 -0.18
C TYR A 165 21.25 -40.37 -1.48
N LYS A 166 22.39 -41.06 -1.46
CA LYS A 166 23.18 -41.25 -2.67
C LYS A 166 22.56 -42.29 -3.60
N ASP A 167 21.52 -42.99 -3.16
CA ASP A 167 20.91 -44.05 -3.95
C ASP A 167 20.12 -43.54 -5.14
N GLY A 168 19.89 -42.24 -5.24
CA GLY A 168 18.94 -41.70 -6.18
C GLY A 168 17.52 -41.65 -5.67
N ARG A 169 17.27 -42.14 -4.45
CA ARG A 169 15.96 -42.09 -3.85
C ARG A 169 15.57 -40.65 -3.55
N ALA A 170 14.27 -40.41 -3.48
CA ALA A 170 13.77 -39.06 -3.25
C ALA A 170 14.01 -38.65 -1.80
N ASN A 171 14.63 -37.48 -1.62
CA ASN A 171 14.81 -36.91 -0.29
C ASN A 171 13.58 -36.08 0.10
N VAL A 172 13.50 -35.73 1.37
CA VAL A 172 12.37 -34.97 1.90
C VAL A 172 12.93 -33.93 2.88
N LEU A 173 12.78 -32.65 2.53
CA LEU A 173 13.22 -31.55 3.37
C LEU A 173 12.01 -30.87 3.98
N VAL A 174 12.08 -30.59 5.28
CA VAL A 174 10.98 -29.95 6.00
C VAL A 174 11.56 -28.76 6.76
N VAL A 175 10.84 -27.64 6.74
CA VAL A 175 11.27 -26.40 7.37
C VAL A 175 10.11 -25.91 8.22
N LYS A 176 10.13 -26.21 9.51
CA LYS A 176 9.15 -25.67 10.43
C LYS A 176 9.46 -24.20 10.69
N VAL A 177 8.42 -23.41 10.93
CA VAL A 177 8.54 -22.02 11.32
C VAL A 177 7.60 -21.79 12.49
N ASN A 178 8.14 -21.30 13.60
CA ASN A 178 7.37 -21.05 14.82
C ASN A 178 7.41 -19.55 15.10
N ASN A 179 6.47 -18.84 14.49
CA ASN A 179 6.34 -17.40 14.68
C ASN A 179 5.14 -17.10 15.59
N THR A 180 5.34 -17.37 16.88
CA THR A 180 4.33 -16.99 17.86
C THR A 180 4.15 -15.48 17.80
N GLN A 181 2.91 -15.04 17.60
CA GLN A 181 2.69 -13.74 16.98
C GLN A 181 3.26 -12.56 17.74
N PRO A 182 3.08 -12.40 19.05
CA PRO A 182 3.55 -11.17 19.71
C PRO A 182 5.07 -11.10 19.72
N SER A 183 5.66 -10.77 18.58
CA SER A 183 7.11 -10.89 18.39
C SER A 183 7.72 -9.74 17.59
N SER A 184 7.06 -8.60 17.48
CA SER A 184 7.63 -7.52 16.68
C SER A 184 6.93 -6.21 17.00
N ARG A 185 7.54 -5.12 16.52
CA ARG A 185 6.96 -3.79 16.62
C ARG A 185 6.43 -3.27 15.29
N TRP A 186 6.70 -3.96 14.19
CA TRP A 186 6.18 -3.60 12.88
C TRP A 186 5.87 -4.89 12.13
N TYR A 187 5.05 -4.78 11.10
CA TYR A 187 4.70 -5.96 10.32
C TYR A 187 5.93 -6.60 9.73
N SER A 188 6.00 -7.92 9.81
CA SER A 188 7.19 -8.66 9.45
C SER A 188 6.93 -9.82 8.49
N GLY A 189 5.71 -10.30 8.41
CA GLY A 189 5.41 -11.49 7.63
C GLY A 189 5.79 -12.75 8.38
N SER A 190 5.76 -13.86 7.66
CA SER A 190 6.06 -15.15 8.24
C SER A 190 6.44 -16.12 7.14
N GLY A 191 7.09 -17.21 7.51
CA GLY A 191 7.51 -18.20 6.54
C GLY A 191 8.78 -17.82 5.83
N ILE A 192 9.11 -18.61 4.81
CA ILE A 192 10.37 -18.43 4.08
C ILE A 192 10.19 -17.31 3.07
N TYR A 193 10.45 -16.08 3.51
CA TYR A 193 10.18 -14.90 2.73
C TYR A 193 11.36 -14.45 1.87
N ARG A 194 12.43 -15.25 1.79
CA ARG A 194 13.58 -14.93 0.96
C ARG A 194 14.00 -16.18 0.18
N ASN A 195 14.72 -15.94 -0.90
CA ASN A 195 15.13 -17.02 -1.80
C ASN A 195 15.89 -18.10 -1.05
N VAL A 196 15.95 -19.28 -1.66
CA VAL A 196 16.68 -20.41 -1.11
C VAL A 196 17.45 -21.08 -2.24
N TYR A 197 18.72 -21.37 -2.00
CA TYR A 197 19.59 -21.94 -3.01
C TYR A 197 20.32 -23.15 -2.46
N LEU A 198 20.71 -24.04 -3.36
CA LEU A 198 21.68 -25.09 -3.08
C LEU A 198 23.03 -24.66 -3.63
N THR A 199 24.08 -24.85 -2.85
CA THR A 199 25.45 -24.57 -3.28
C THR A 199 26.16 -25.90 -3.46
N VAL A 200 26.64 -26.15 -4.68
CA VAL A 200 27.32 -27.38 -5.03
C VAL A 200 28.75 -27.02 -5.41
N THR A 201 29.71 -27.68 -4.75
CA THR A 201 31.10 -27.25 -4.84
C THR A 201 32.02 -28.46 -4.75
N ASP A 202 33.23 -28.27 -5.26
CA ASP A 202 34.27 -29.27 -5.10
C ASP A 202 34.68 -29.37 -3.63
N PRO A 203 35.18 -30.52 -3.18
CA PRO A 203 35.63 -30.60 -1.78
C PRO A 203 36.63 -29.53 -1.38
N ILE A 204 37.38 -28.99 -2.32
CA ILE A 204 38.23 -27.82 -2.09
C ILE A 204 37.50 -26.63 -2.71
N HIS A 205 37.05 -25.70 -1.86
CA HIS A 205 36.23 -24.60 -2.33
C HIS A 205 36.41 -23.41 -1.42
N VAL A 206 36.03 -22.23 -1.93
CA VAL A 206 36.06 -21.03 -1.12
C VAL A 206 35.03 -21.15 0.00
N ALA A 207 35.29 -20.49 1.12
CA ALA A 207 34.38 -20.53 2.25
C ALA A 207 33.07 -19.85 1.93
N ARG A 208 32.13 -19.82 2.88
CA ARG A 208 30.83 -19.21 2.63
C ARG A 208 30.99 -17.77 2.16
N TYR A 209 31.78 -16.99 2.89
CA TYR A 209 32.13 -15.63 2.51
C TYR A 209 33.64 -15.47 2.50
N GLY A 210 34.33 -16.47 1.98
CA GLY A 210 35.78 -16.50 2.05
C GLY A 210 36.49 -15.61 1.06
N THR A 211 36.09 -14.35 0.97
CA THR A 211 36.79 -13.40 0.13
C THR A 211 36.52 -12.00 0.66
N PHE A 212 37.58 -11.20 0.77
CA PHE A 212 37.49 -9.87 1.35
C PHE A 212 38.37 -8.95 0.53
N VAL A 213 37.74 -8.02 -0.19
CA VAL A 213 38.42 -7.09 -1.08
C VAL A 213 38.42 -5.71 -0.44
N THR A 214 39.60 -5.08 -0.39
CA THR A 214 39.74 -3.78 0.24
C THR A 214 40.64 -2.90 -0.62
N THR A 215 40.74 -1.64 -0.24
CA THR A 215 41.64 -0.68 -0.89
C THR A 215 42.32 0.16 0.19
N PRO A 216 43.25 -0.43 0.94
CA PRO A 216 43.86 0.30 2.05
C PRO A 216 44.60 1.54 1.56
N ASN A 217 44.46 2.64 2.32
CA ASN A 217 45.16 3.88 2.03
C ASN A 217 44.88 4.38 0.62
N LEU A 218 43.63 4.20 0.17
CA LEU A 218 43.26 4.65 -1.16
C LEU A 218 43.30 6.18 -1.26
N GLU A 219 43.06 6.87 -0.15
CA GLU A 219 43.06 8.33 -0.18
C GLU A 219 44.42 8.87 -0.61
N LYS A 220 45.49 8.29 -0.08
CA LYS A 220 46.83 8.66 -0.53
C LYS A 220 47.08 8.16 -1.94
N SER A 221 46.64 6.95 -2.25
CA SER A 221 47.00 6.33 -3.52
C SER A 221 46.41 7.09 -4.71
N ILE A 222 45.17 7.59 -4.56
CA ILE A 222 44.49 8.20 -5.70
C ILE A 222 45.27 9.39 -6.23
N LYS A 223 46.01 10.07 -5.35
CA LYS A 223 46.85 11.17 -5.81
C LYS A 223 47.86 10.71 -6.84
N GLU A 224 48.23 9.43 -6.80
CA GLU A 224 49.09 8.84 -7.82
C GLU A 224 48.30 8.27 -9.00
N ASP A 225 46.99 8.49 -9.04
CA ASP A 225 46.15 7.97 -10.12
C ASP A 225 46.23 6.45 -10.19
N ARG A 226 46.37 5.80 -9.04
CA ARG A 226 46.63 4.37 -8.96
C ARG A 226 45.96 3.84 -7.70
N ALA A 227 45.03 2.91 -7.87
CA ALA A 227 44.40 2.25 -6.74
C ALA A 227 45.17 1.00 -6.35
N ASP A 228 45.18 0.71 -5.06
CA ASP A 228 45.89 -0.44 -4.50
C ASP A 228 44.83 -1.36 -3.92
N VAL A 229 44.82 -2.62 -4.39
CA VAL A 229 43.82 -3.60 -4.00
C VAL A 229 44.51 -4.72 -3.25
N ASN A 230 43.92 -5.11 -2.12
CA ASN A 230 44.39 -6.22 -1.31
C ASN A 230 43.29 -7.27 -1.23
N ILE A 231 43.65 -8.52 -1.48
CA ILE A 231 42.70 -9.63 -1.53
C ILE A 231 43.07 -10.63 -0.45
N LYS A 232 42.08 -11.02 0.36
CA LYS A 232 42.22 -12.10 1.32
C LYS A 232 41.18 -13.16 1.00
N THR A 233 41.60 -14.41 0.93
CA THR A 233 40.74 -15.52 0.54
C THR A 233 40.86 -16.66 1.53
N LYS A 234 39.76 -17.36 1.75
CA LYS A 234 39.70 -18.50 2.65
C LYS A 234 39.23 -19.71 1.86
N ILE A 235 39.98 -20.81 1.94
CA ILE A 235 39.66 -22.04 1.24
C ILE A 235 39.51 -23.14 2.26
N SER A 236 38.38 -23.83 2.20
CA SER A 236 38.08 -24.95 3.09
C SER A 236 38.25 -26.23 2.30
N ASN A 237 39.15 -27.10 2.77
CA ASN A 237 39.42 -28.38 2.12
C ASN A 237 38.67 -29.46 2.90
N ASP A 238 37.53 -29.87 2.37
CA ASP A 238 36.72 -30.90 3.01
C ASP A 238 37.13 -32.30 2.60
N ALA A 239 38.14 -32.45 1.75
CA ALA A 239 38.59 -33.77 1.34
C ALA A 239 39.17 -34.51 2.55
N ALA A 240 39.54 -35.77 2.32
CA ALA A 240 40.06 -36.61 3.38
C ALA A 240 41.55 -36.43 3.63
N GLU A 241 42.27 -35.74 2.74
CA GLU A 241 43.70 -35.54 2.89
C GLU A 241 44.07 -34.13 2.48
N ALA A 242 45.14 -33.62 3.07
CA ALA A 242 45.67 -32.34 2.67
C ALA A 242 46.16 -32.41 1.22
N LYS A 243 46.02 -31.29 0.51
CA LYS A 243 46.42 -31.23 -0.89
C LYS A 243 47.06 -29.88 -1.17
N GLN A 244 47.98 -29.87 -2.13
CA GLN A 244 48.54 -28.62 -2.61
C GLN A 244 47.45 -27.80 -3.29
N VAL A 245 47.48 -26.49 -3.07
CA VAL A 245 46.42 -25.60 -3.54
C VAL A 245 47.06 -24.36 -4.13
N LYS A 246 46.43 -23.82 -5.18
CA LYS A 246 46.86 -22.56 -5.79
C LYS A 246 45.62 -21.75 -6.15
N ILE A 247 45.81 -20.45 -6.29
CA ILE A 247 44.71 -19.54 -6.60
C ILE A 247 45.12 -18.63 -7.76
N LYS A 248 44.17 -18.37 -8.64
CA LYS A 248 44.29 -17.33 -9.65
C LYS A 248 43.14 -16.35 -9.47
N SER A 249 43.46 -15.07 -9.44
CA SER A 249 42.48 -14.01 -9.30
C SER A 249 42.62 -13.02 -10.45
N THR A 250 41.49 -12.49 -10.89
CA THR A 250 41.44 -11.60 -12.03
C THR A 250 40.50 -10.45 -11.72
N ILE A 251 40.81 -9.27 -12.27
CA ILE A 251 40.05 -8.05 -12.05
C ILE A 251 39.42 -7.63 -13.36
N TYR A 252 38.12 -7.81 -13.49
CA TYR A 252 37.39 -7.46 -14.70
C TYR A 252 36.66 -6.14 -14.50
N ASP A 253 36.77 -5.26 -15.49
CA ASP A 253 36.04 -4.01 -15.46
C ASP A 253 34.56 -4.27 -15.68
N GLY A 254 33.78 -3.19 -15.73
CA GLY A 254 32.35 -3.32 -15.89
C GLY A 254 31.91 -3.95 -17.19
N ALA A 255 32.76 -3.94 -18.22
CA ALA A 255 32.42 -4.50 -19.53
C ALA A 255 33.09 -5.84 -19.78
N GLY A 256 33.74 -6.44 -18.79
CA GLY A 256 34.37 -7.73 -18.97
C GLY A 256 35.81 -7.69 -19.45
N ASN A 257 36.37 -6.50 -19.70
CA ASN A 257 37.75 -6.42 -20.13
C ASN A 257 38.67 -6.65 -18.94
N THR A 258 39.64 -7.53 -19.14
CA THR A 258 40.59 -7.84 -18.07
C THR A 258 41.38 -6.60 -17.70
N VAL A 259 41.46 -6.32 -16.41
CA VAL A 259 42.25 -5.20 -15.92
C VAL A 259 43.59 -5.66 -15.36
N GLN A 260 43.56 -6.68 -14.52
CA GLN A 260 44.77 -7.20 -13.92
C GLN A 260 44.48 -8.59 -13.38
N THR A 261 45.52 -9.43 -13.34
CA THR A 261 45.40 -10.80 -12.88
C THR A 261 46.56 -11.10 -11.94
N VAL A 262 46.35 -12.10 -11.08
CA VAL A 262 47.34 -12.49 -10.09
C VAL A 262 47.27 -14.01 -9.93
N GLU A 263 48.42 -14.61 -9.63
CA GLU A 263 48.49 -16.02 -9.30
C GLU A 263 49.39 -16.19 -8.09
N THR A 264 49.04 -17.14 -7.23
CA THR A 264 49.77 -17.34 -5.98
C THR A 264 50.70 -18.54 -6.07
N GLU A 265 51.69 -18.55 -5.20
CA GLU A 265 52.59 -19.68 -5.09
C GLU A 265 51.85 -20.86 -4.47
N GLU A 266 52.00 -22.03 -5.07
CA GLU A 266 51.35 -23.22 -4.56
C GLU A 266 51.78 -23.49 -3.12
N LYS A 267 50.81 -23.72 -2.25
CA LYS A 267 51.07 -24.03 -0.85
C LYS A 267 50.07 -25.07 -0.37
N THR A 268 50.52 -25.91 0.56
CA THR A 268 49.71 -27.02 1.03
C THR A 268 48.49 -26.51 1.78
N ALA A 269 47.36 -27.19 1.59
CA ALA A 269 46.12 -26.92 2.30
C ALA A 269 45.79 -28.11 3.18
N ALA A 270 45.69 -27.88 4.48
CA ALA A 270 45.44 -28.95 5.42
C ALA A 270 44.08 -29.61 5.14
N ALA A 271 43.84 -30.71 5.83
CA ALA A 271 42.63 -31.50 5.61
C ALA A 271 41.54 -31.09 6.59
N GLY A 272 40.36 -30.81 6.07
CA GLY A 272 39.22 -30.49 6.90
C GLY A 272 39.40 -29.23 7.73
N THR A 273 39.88 -28.16 7.11
CA THR A 273 40.07 -26.89 7.82
C THR A 273 40.20 -25.78 6.79
N VAL A 274 40.36 -24.55 7.29
CA VAL A 274 40.43 -23.36 6.46
C VAL A 274 41.87 -22.87 6.44
N THR A 275 42.38 -22.59 5.25
CA THR A 275 43.76 -22.12 5.06
C THR A 275 43.75 -20.78 4.36
N PRO A 276 43.98 -19.67 5.07
CA PRO A 276 43.84 -18.36 4.43
C PRO A 276 44.92 -18.11 3.39
N PHE A 277 44.59 -17.28 2.42
CA PHE A 277 45.52 -16.81 1.40
C PHE A 277 45.48 -15.29 1.37
N GLU A 278 46.40 -14.70 0.61
CA GLU A 278 46.44 -13.25 0.50
C GLU A 278 47.19 -12.85 -0.76
N GLN A 279 46.73 -11.76 -1.38
CA GLN A 279 47.35 -11.23 -2.59
C GLN A 279 47.28 -9.72 -2.55
N ASN A 280 47.96 -9.10 -3.50
CA ASN A 280 47.91 -7.65 -3.67
C ASN A 280 48.07 -7.31 -5.14
N THR A 281 47.64 -6.12 -5.51
CA THR A 281 47.73 -5.68 -6.90
C THR A 281 47.46 -4.18 -6.96
N VAL A 282 47.38 -3.66 -8.18
CA VAL A 282 47.11 -2.26 -8.43
C VAL A 282 46.18 -2.14 -9.63
N ILE A 283 45.45 -1.03 -9.69
CA ILE A 283 44.54 -0.73 -10.78
C ILE A 283 44.89 0.65 -11.29
N LYS A 284 45.44 0.71 -12.50
CA LYS A 284 45.84 1.99 -13.08
C LYS A 284 44.61 2.74 -13.60
N GLN A 285 44.52 4.02 -13.27
CA GLN A 285 43.37 4.85 -13.62
C GLN A 285 42.08 4.18 -13.16
N PRO A 286 41.86 4.07 -11.85
CA PRO A 286 40.65 3.44 -11.35
C PRO A 286 39.43 4.32 -11.56
N LYS A 287 38.28 3.69 -11.74
CA LYS A 287 37.00 4.39 -11.87
C LYS A 287 36.29 4.31 -10.53
N LEU A 288 36.35 5.39 -9.77
CA LEU A 288 35.85 5.37 -8.40
C LEU A 288 34.34 5.20 -8.36
N TRP A 289 33.89 4.34 -7.46
CA TRP A 289 32.46 4.22 -7.20
C TRP A 289 31.93 5.51 -6.62
N SER A 290 30.72 5.90 -7.04
CA SER A 290 30.13 7.13 -6.58
C SER A 290 28.63 7.05 -6.80
N ILE A 291 27.91 7.96 -6.13
CA ILE A 291 26.46 7.99 -6.25
C ILE A 291 26.04 8.30 -7.68
N ASP A 292 26.69 9.28 -8.29
CA ASP A 292 26.33 9.68 -9.64
C ASP A 292 26.93 8.78 -10.72
N LYS A 293 27.89 7.93 -10.36
CA LYS A 293 28.52 7.02 -11.32
C LYS A 293 28.86 5.72 -10.60
N PRO A 294 27.85 4.93 -10.24
CA PRO A 294 28.11 3.69 -9.47
C PRO A 294 28.80 2.63 -10.30
N TYR A 295 30.06 2.90 -10.68
CA TYR A 295 30.87 1.94 -11.40
C TYR A 295 31.41 0.89 -10.45
N ARG A 296 31.48 -0.35 -10.92
CA ARG A 296 31.96 -1.45 -10.11
C ARG A 296 32.90 -2.34 -10.91
N TYR A 297 33.79 -3.01 -10.19
CA TYR A 297 34.67 -4.02 -10.77
C TYR A 297 34.20 -5.41 -10.35
N ASN A 298 34.69 -6.42 -11.06
CA ASN A 298 34.35 -7.80 -10.79
C ASN A 298 35.63 -8.59 -10.55
N LEU A 299 35.61 -9.43 -9.53
CA LEU A 299 36.74 -10.28 -9.18
C LEU A 299 36.33 -11.74 -9.32
N VAL A 300 37.15 -12.53 -9.98
CA VAL A 300 36.91 -13.95 -10.18
C VAL A 300 38.12 -14.71 -9.64
N THR A 301 37.89 -15.59 -8.68
CA THR A 301 38.92 -16.49 -8.19
C THR A 301 38.75 -17.85 -8.85
N GLU A 302 39.87 -18.55 -9.02
CA GLU A 302 39.87 -19.87 -9.64
C GLU A 302 40.81 -20.77 -8.85
N VAL A 303 40.24 -21.54 -7.92
CA VAL A 303 41.04 -22.48 -7.14
C VAL A 303 41.64 -23.50 -8.09
N ILE A 304 42.96 -23.66 -8.03
CA ILE A 304 43.70 -24.52 -8.94
C ILE A 304 44.38 -25.62 -8.15
N VAL A 305 44.10 -26.87 -8.52
CA VAL A 305 44.72 -28.04 -7.91
C VAL A 305 45.26 -28.91 -9.03
N GLY A 306 46.54 -29.26 -8.96
CA GLY A 306 47.16 -30.04 -10.01
C GLY A 306 47.10 -29.37 -11.37
N GLY A 307 47.34 -28.06 -11.40
CA GLY A 307 47.28 -27.32 -12.66
C GLY A 307 45.93 -27.40 -13.33
N GLN A 308 44.86 -27.43 -12.55
CA GLN A 308 43.51 -27.56 -13.09
C GLN A 308 42.54 -26.81 -12.19
N THR A 309 41.66 -26.02 -12.79
CA THR A 309 40.63 -25.32 -12.04
C THR A 309 39.69 -26.32 -11.39
N VAL A 310 39.37 -26.09 -10.12
CA VAL A 310 38.45 -26.96 -9.39
C VAL A 310 37.30 -26.21 -8.76
N ASP A 311 37.41 -24.90 -8.56
CA ASP A 311 36.29 -24.11 -8.06
C ASP A 311 36.51 -22.66 -8.45
N THR A 312 35.40 -21.96 -8.69
CA THR A 312 35.44 -20.55 -9.05
C THR A 312 34.42 -19.80 -8.19
N TYR A 313 34.66 -18.51 -8.02
CA TYR A 313 33.88 -17.67 -7.14
C TYR A 313 33.92 -16.26 -7.70
N GLU A 314 32.87 -15.49 -7.40
CA GLU A 314 32.77 -14.12 -7.90
C GLU A 314 32.29 -13.19 -6.81
N THR A 315 32.88 -12.00 -6.76
CA THR A 315 32.42 -10.92 -5.91
C THR A 315 32.64 -9.61 -6.63
N LYS A 316 31.57 -8.86 -6.86
CA LYS A 316 31.69 -7.52 -7.39
C LYS A 316 31.93 -6.55 -6.25
N PHE A 317 32.91 -5.67 -6.44
CA PHE A 317 33.29 -4.71 -5.43
C PHE A 317 33.41 -3.35 -6.08
N GLY A 318 33.82 -2.38 -5.29
CA GLY A 318 34.01 -1.02 -5.78
C GLY A 318 35.11 -0.32 -5.02
N VAL A 319 35.82 0.57 -5.71
CA VAL A 319 36.89 1.33 -5.09
C VAL A 319 36.33 2.70 -4.74
N ARG A 320 36.36 3.04 -3.45
CA ARG A 320 35.83 4.31 -2.99
C ARG A 320 36.30 4.57 -1.57
N TYR A 321 36.60 5.83 -1.28
CA TYR A 321 37.07 6.27 0.02
C TYR A 321 36.08 7.28 0.59
N PHE A 322 35.74 7.10 1.87
CA PHE A 322 34.85 8.01 2.58
C PHE A 322 35.41 8.26 3.97
N LYS A 323 35.06 9.42 4.53
CA LYS A 323 35.58 9.84 5.82
C LYS A 323 34.49 10.56 6.60
N PHE A 324 34.19 10.06 7.80
CA PHE A 324 33.29 10.74 8.72
C PHE A 324 34.11 11.66 9.61
N ASP A 325 33.98 12.96 9.39
CA ASP A 325 34.75 13.95 10.14
C ASP A 325 33.90 14.54 11.26
N GLU A 326 34.56 14.87 12.37
CA GLU A 326 33.86 15.43 13.51
C GLU A 326 33.60 16.92 13.37
N ASN A 327 34.27 17.58 12.42
CA ASN A 327 34.06 18.99 12.14
C ASN A 327 33.54 19.26 10.74
N GLU A 328 34.23 18.71 9.72
CA GLU A 328 33.89 19.03 8.35
C GLU A 328 32.69 18.25 7.83
N GLY A 329 32.26 17.21 8.54
CA GLY A 329 31.13 16.43 8.10
C GLY A 329 31.52 15.35 7.12
N PHE A 330 30.49 14.65 6.62
CA PHE A 330 30.70 13.54 5.72
C PHE A 330 31.24 13.99 4.37
N SER A 331 32.07 13.16 3.76
CA SER A 331 32.61 13.42 2.44
C SER A 331 32.92 12.09 1.76
N LEU A 332 32.79 12.07 0.44
CA LEU A 332 33.04 10.87 -0.36
C LEU A 332 34.10 11.17 -1.40
N ASN A 333 35.14 10.35 -1.43
CA ASN A 333 36.22 10.48 -2.40
C ASN A 333 36.81 11.89 -2.39
N GLY A 334 36.80 12.53 -1.22
CA GLY A 334 37.29 13.88 -1.10
C GLY A 334 36.29 14.96 -1.46
N GLU A 335 35.06 14.60 -1.80
CA GLU A 335 34.02 15.57 -2.12
C GLU A 335 33.05 15.65 -0.96
N TYR A 336 32.80 16.86 -0.47
CA TYR A 336 31.86 17.05 0.62
C TYR A 336 30.45 16.72 0.16
N MET A 337 29.67 16.16 1.07
CA MET A 337 28.30 15.75 0.77
C MET A 337 27.48 15.73 2.05
N LYS A 338 26.18 15.93 1.91
CA LYS A 338 25.25 15.73 3.01
C LYS A 338 24.53 14.40 2.83
N LEU A 339 24.32 13.70 3.94
CA LEU A 339 23.64 12.41 3.91
C LEU A 339 22.13 12.64 3.94
N HIS A 340 21.58 12.93 2.77
CA HIS A 340 20.14 13.01 2.61
C HIS A 340 19.61 11.59 2.73
N GLY A 341 19.13 11.24 3.92
CA GLY A 341 18.85 9.85 4.23
C GLY A 341 17.38 9.55 4.38
N VAL A 342 17.04 8.27 4.35
CA VAL A 342 15.66 7.82 4.51
C VAL A 342 15.64 6.45 5.18
N SER A 343 14.92 6.33 6.27
CA SER A 343 14.70 5.04 6.90
C SER A 343 13.70 4.23 6.10
N MET A 344 13.96 2.94 5.98
CA MET A 344 13.14 2.05 5.16
C MET A 344 13.02 0.71 5.85
N HIS A 345 11.81 0.15 5.82
CA HIS A 345 11.58 -1.19 6.34
C HIS A 345 11.66 -2.22 5.22
N HIS A 346 11.75 -3.49 5.62
CA HIS A 346 11.90 -4.56 4.63
C HIS A 346 10.60 -4.82 3.88
N ASP A 347 9.46 -4.53 4.50
CA ASP A 347 8.17 -4.81 3.87
C ASP A 347 8.04 -4.11 2.52
N LEU A 348 7.49 -4.85 1.55
CA LEU A 348 7.31 -4.36 0.18
C LEU A 348 5.85 -4.04 -0.14
N GLY A 349 4.98 -4.01 0.86
CA GLY A 349 3.61 -3.58 0.64
C GLY A 349 2.70 -4.69 0.15
N ALA A 350 2.15 -4.52 -1.06
CA ALA A 350 1.22 -5.49 -1.59
C ALA A 350 1.83 -6.88 -1.65
N LEU A 351 3.14 -6.97 -1.88
CA LEU A 351 3.82 -8.26 -1.90
C LEU A 351 4.04 -8.83 -0.50
N GLY A 352 3.74 -8.08 0.55
CA GLY A 352 4.06 -8.56 1.87
C GLY A 352 5.56 -8.55 2.08
N ALA A 353 6.00 -9.30 3.10
CA ALA A 353 7.42 -9.36 3.40
C ALA A 353 8.21 -10.09 2.32
N ALA A 354 7.53 -10.79 1.41
CA ALA A 354 8.21 -11.54 0.36
C ALA A 354 9.10 -10.62 -0.46
N THR A 355 10.32 -11.07 -0.73
CA THR A 355 11.25 -10.24 -1.47
C THR A 355 11.10 -10.47 -2.96
N ASN A 356 11.12 -9.38 -3.71
CA ASN A 356 11.14 -9.45 -5.16
C ASN A 356 12.15 -8.43 -5.65
N ALA A 357 13.04 -8.86 -6.54
CA ALA A 357 14.15 -8.01 -6.96
C ALA A 357 13.65 -6.67 -7.46
N ARG A 358 12.64 -6.68 -8.34
CA ARG A 358 12.19 -5.41 -8.90
C ARG A 358 11.37 -4.61 -7.90
N GLY A 359 10.69 -5.25 -6.96
CA GLY A 359 9.99 -4.45 -5.96
C GLY A 359 10.96 -3.57 -5.19
N VAL A 360 12.06 -4.16 -4.72
CA VAL A 360 13.06 -3.39 -4.00
C VAL A 360 13.74 -2.39 -4.92
N GLU A 361 14.04 -2.80 -6.16
CA GLU A 361 14.67 -1.87 -7.08
C GLU A 361 13.77 -0.68 -7.37
N ARG A 362 12.46 -0.91 -7.45
CA ARG A 362 11.52 0.19 -7.68
C ARG A 362 11.48 1.11 -6.49
N GLN A 363 11.47 0.57 -5.27
CA GLN A 363 11.53 1.44 -4.10
C GLN A 363 12.80 2.29 -4.13
N MET A 364 13.94 1.67 -4.42
CA MET A 364 15.19 2.42 -4.48
C MET A 364 15.14 3.47 -5.58
N GLN A 365 14.54 3.15 -6.72
CA GLN A 365 14.49 4.09 -7.83
C GLN A 365 13.62 5.29 -7.48
N ILE A 366 12.49 5.04 -6.83
CA ILE A 366 11.65 6.15 -6.40
C ILE A 366 12.42 7.04 -5.42
N MET A 367 13.12 6.43 -4.46
CA MET A 367 13.89 7.23 -3.52
C MET A 367 14.96 8.04 -4.23
N LYS A 368 15.71 7.40 -5.13
CA LYS A 368 16.74 8.12 -5.88
C LYS A 368 16.14 9.26 -6.68
N ASP A 369 14.93 9.06 -7.17
CA ASP A 369 14.23 10.14 -7.86
C ASP A 369 13.95 11.28 -6.88
N MET A 370 13.63 10.94 -5.63
CA MET A 370 13.39 11.96 -4.63
C MET A 370 14.64 12.78 -4.30
N GLY A 371 15.83 12.33 -4.72
CA GLY A 371 17.06 12.98 -4.35
C GLY A 371 17.76 12.38 -3.16
N VAL A 372 17.32 11.21 -2.70
CA VAL A 372 17.93 10.58 -1.54
C VAL A 372 19.36 10.19 -1.85
N ASN A 373 20.19 10.14 -0.81
CA ASN A 373 21.58 9.71 -0.91
C ASN A 373 21.84 8.41 -0.16
N ALA A 374 21.23 8.23 1.00
CA ALA A 374 21.52 7.09 1.86
C ALA A 374 20.22 6.46 2.34
N ILE A 375 20.29 5.17 2.63
CA ILE A 375 19.17 4.40 3.17
C ILE A 375 19.62 3.80 4.49
N ARG A 376 18.85 4.01 5.54
CA ARG A 376 19.15 3.42 6.84
C ARG A 376 18.21 2.24 7.03
N VAL A 377 18.66 1.06 6.62
CA VAL A 377 17.86 -0.15 6.72
C VAL A 377 17.54 -0.38 8.19
N THR A 378 16.25 -0.32 8.55
CA THR A 378 15.87 -0.10 9.92
C THR A 378 15.73 -1.41 10.70
N HIS A 379 16.42 -1.47 11.83
CA HIS A 379 16.14 -2.42 12.90
C HIS A 379 16.29 -3.87 12.48
N ASN A 380 16.95 -4.15 11.37
CA ASN A 380 17.24 -5.51 10.95
C ASN A 380 18.15 -5.44 9.73
N PRO A 381 19.02 -6.43 9.55
CA PRO A 381 19.89 -6.40 8.37
C PRO A 381 19.09 -6.47 7.08
N ALA A 382 19.66 -5.86 6.05
CA ALA A 382 18.97 -5.75 4.76
C ALA A 382 18.94 -7.09 4.05
N SER A 383 18.07 -7.18 3.05
CA SER A 383 18.02 -8.36 2.21
C SER A 383 19.03 -8.25 1.07
N PRO A 384 19.47 -9.38 0.50
CA PRO A 384 20.48 -9.30 -0.56
C PRO A 384 20.04 -8.45 -1.74
N GLU A 385 18.76 -8.51 -2.09
CA GLU A 385 18.26 -7.72 -3.20
C GLU A 385 18.37 -6.23 -2.92
N LEU A 386 18.10 -5.81 -1.68
CA LEU A 386 18.25 -4.40 -1.33
C LEU A 386 19.70 -3.95 -1.46
N LEU A 387 20.64 -4.77 -0.97
CA LEU A 387 22.05 -4.42 -1.10
C LEU A 387 22.44 -4.30 -2.57
N GLU A 388 21.99 -5.24 -3.39
CA GLU A 388 22.38 -5.22 -4.79
C GLU A 388 21.77 -4.04 -5.52
N ALA A 389 20.51 -3.69 -5.18
CA ALA A 389 19.88 -2.54 -5.78
C ALA A 389 20.58 -1.25 -5.38
N ALA A 390 21.00 -1.15 -4.12
CA ALA A 390 21.74 0.02 -3.68
C ALA A 390 23.06 0.12 -4.43
N ASN A 391 23.74 -1.01 -4.62
CA ASN A 391 25.00 -0.99 -5.36
C ASN A 391 24.78 -0.53 -6.79
N LYS A 392 23.73 -1.03 -7.46
CA LYS A 392 23.48 -0.61 -8.83
C LYS A 392 23.11 0.87 -8.89
N LEU A 393 22.14 1.29 -8.09
CA LEU A 393 21.58 2.63 -8.20
C LEU A 393 22.53 3.69 -7.64
N GLY A 394 23.38 3.31 -6.70
CA GLY A 394 24.28 4.27 -6.08
C GLY A 394 23.68 4.95 -4.88
N LEU A 395 23.27 4.16 -3.89
CA LEU A 395 22.75 4.67 -2.63
C LEU A 395 23.55 4.07 -1.49
N PHE A 396 23.92 4.91 -0.52
CA PHE A 396 24.57 4.40 0.67
C PHE A 396 23.60 3.51 1.45
N ILE A 397 24.16 2.71 2.35
CA ILE A 397 23.38 1.79 3.16
C ILE A 397 23.95 1.81 4.58
N ILE A 398 23.08 1.65 5.56
CA ILE A 398 23.47 1.47 6.96
C ILE A 398 22.73 0.26 7.50
N GLU A 399 23.48 -0.76 7.90
CA GLU A 399 22.88 -2.00 8.38
C GLU A 399 22.60 -1.90 9.87
N GLU A 400 21.38 -2.21 10.28
CA GLU A 400 21.00 -2.22 11.69
C GLU A 400 21.00 -3.66 12.18
N ALA A 401 21.83 -3.94 13.19
CA ALA A 401 21.96 -5.30 13.67
C ALA A 401 20.69 -5.78 14.35
N PHE A 402 20.29 -5.11 15.42
CA PHE A 402 19.18 -5.56 16.25
C PHE A 402 18.32 -4.37 16.64
N ASP A 403 17.04 -4.65 16.91
CA ASP A 403 16.17 -3.68 17.56
C ASP A 403 16.21 -3.77 19.07
N SER A 404 16.79 -4.84 19.62
CA SER A 404 16.76 -5.07 21.05
C SER A 404 17.91 -5.98 21.45
N TRP A 405 18.55 -5.63 22.56
CA TRP A 405 19.53 -6.49 23.21
C TRP A 405 18.80 -7.39 24.19
N ALA A 406 19.53 -7.95 25.16
CA ALA A 406 18.98 -8.95 26.08
C ALA A 406 17.55 -8.64 26.50
N GLN A 407 17.25 -7.40 26.89
CA GLN A 407 15.91 -7.01 27.32
C GLN A 407 15.02 -7.00 26.08
N SER A 408 13.96 -7.80 26.11
CA SER A 408 13.09 -7.95 24.96
C SER A 408 12.01 -6.88 24.95
N LYS A 409 11.72 -6.35 23.76
CA LYS A 409 10.71 -5.31 23.61
C LYS A 409 9.32 -5.87 23.39
N LYS A 410 9.21 -7.13 22.97
CA LYS A 410 7.95 -7.86 22.92
C LYS A 410 8.20 -9.26 23.45
N PRO A 411 7.18 -9.95 23.93
CA PRO A 411 7.41 -11.23 24.61
C PRO A 411 8.18 -12.25 23.81
N TYR A 412 7.94 -12.36 22.50
CA TYR A 412 8.58 -13.36 21.66
C TYR A 412 9.59 -12.74 20.70
N ASP A 413 10.25 -11.65 21.09
CA ASP A 413 11.18 -10.96 20.22
C ASP A 413 12.54 -11.64 20.25
N TYR A 414 13.46 -11.13 19.44
CA TYR A 414 14.79 -11.72 19.35
C TYR A 414 15.55 -11.58 20.66
N GLY A 415 15.19 -10.62 21.50
CA GLY A 415 15.85 -10.48 22.79
C GLY A 415 15.79 -11.73 23.62
N ARG A 416 14.79 -12.57 23.38
CA ARG A 416 14.70 -13.86 24.04
C ARG A 416 15.94 -14.71 23.80
N PHE A 417 16.52 -14.64 22.59
CA PHE A 417 17.67 -15.45 22.23
C PHE A 417 18.97 -14.68 22.21
N PHE A 418 18.98 -13.43 22.67
CA PHE A 418 20.09 -12.53 22.36
C PHE A 418 21.42 -13.05 22.91
N ASN A 419 21.41 -13.56 24.13
CA ASN A 419 22.67 -13.88 24.81
C ASN A 419 23.48 -14.91 24.03
N ALA A 420 22.83 -15.96 23.53
CA ALA A 420 23.53 -17.06 22.90
C ALA A 420 23.77 -16.87 21.41
N TRP A 421 23.19 -15.83 20.79
CA TRP A 421 23.23 -15.68 19.34
C TRP A 421 23.68 -14.32 18.87
N ALA A 422 23.92 -13.35 19.76
CA ALA A 422 24.28 -12.01 19.30
C ALA A 422 25.59 -12.03 18.52
N GLU A 423 26.59 -12.74 19.06
CA GLU A 423 27.88 -12.82 18.37
C GLU A 423 27.72 -13.46 17.00
N HIS A 424 27.00 -14.58 16.95
CA HIS A 424 26.83 -15.28 15.68
C HIS A 424 26.15 -14.39 14.65
N ASP A 425 25.11 -13.67 15.08
CA ASP A 425 24.37 -12.85 14.12
C ASP A 425 25.17 -11.65 13.65
N ILE A 426 25.89 -10.98 14.55
CA ILE A 426 26.75 -9.88 14.13
C ILE A 426 27.80 -10.40 13.14
N LYS A 427 28.40 -11.54 13.46
CA LYS A 427 29.40 -12.12 12.56
C LYS A 427 28.79 -12.40 11.20
N GLU A 428 27.59 -13.01 11.18
CA GLU A 428 26.95 -13.34 9.92
C GLU A 428 26.69 -12.10 9.08
N MET A 429 26.08 -11.07 9.68
CA MET A 429 25.74 -9.88 8.93
C MET A 429 27.00 -9.21 8.37
N VAL A 430 27.99 -8.97 9.23
CA VAL A 430 29.18 -8.26 8.78
C VAL A 430 29.93 -9.07 7.74
N ASP A 431 30.01 -10.39 7.93
CA ASP A 431 30.69 -11.24 6.97
C ASP A 431 30.00 -11.18 5.61
N ARG A 432 28.67 -11.22 5.60
CA ARG A 432 27.95 -11.17 4.33
C ARG A 432 28.17 -9.84 3.64
N GLY A 433 28.01 -8.73 4.36
CA GLY A 433 27.97 -7.43 3.71
C GLY A 433 29.31 -6.73 3.57
N LYS A 434 30.41 -7.33 4.02
CA LYS A 434 31.66 -6.58 4.13
C LYS A 434 32.15 -6.09 2.77
N ASN A 435 31.93 -6.86 1.70
CA ASN A 435 32.48 -6.50 0.41
C ASN A 435 31.67 -5.41 -0.31
N GLU A 436 30.46 -5.14 0.14
CA GLU A 436 29.60 -4.22 -0.59
C GLU A 436 30.19 -2.82 -0.58
N PRO A 437 30.26 -2.12 -1.72
CA PRO A 437 30.72 -0.72 -1.66
C PRO A 437 29.70 0.21 -1.04
N ALA A 438 28.41 -0.11 -1.17
CA ALA A 438 27.37 0.80 -0.68
C ALA A 438 27.41 0.95 0.83
N ILE A 439 27.65 -0.14 1.57
CA ILE A 439 27.57 -0.10 3.02
C ILE A 439 28.67 0.81 3.55
N ILE A 440 28.27 1.85 4.28
CA ILE A 440 29.21 2.81 4.83
C ILE A 440 29.32 2.77 6.35
N MET A 441 28.42 2.05 7.03
CA MET A 441 28.38 2.12 8.48
C MET A 441 27.62 0.94 9.04
N TRP A 442 28.22 0.24 10.00
CA TRP A 442 27.54 -0.81 10.74
C TRP A 442 26.88 -0.21 11.96
N SER A 443 25.58 -0.42 12.11
CA SER A 443 24.85 0.00 13.30
C SER A 443 24.66 -1.21 14.20
N ILE A 444 24.42 -0.95 15.49
CA ILE A 444 24.45 -1.99 16.50
C ILE A 444 23.16 -2.08 17.30
N GLY A 445 22.35 -1.03 17.33
CA GLY A 445 21.10 -1.10 18.06
C GLY A 445 20.28 0.14 17.83
N ASN A 446 19.07 0.11 18.37
CA ASN A 446 18.15 1.24 18.31
C ASN A 446 17.26 1.22 19.55
N GLU A 447 17.19 2.35 20.24
CA GLU A 447 16.23 2.53 21.33
C GLU A 447 16.40 1.45 22.40
N ILE A 448 17.63 1.04 22.68
CA ILE A 448 17.86 -0.06 23.60
C ILE A 448 17.60 0.40 25.03
N TYR A 449 16.79 -0.37 25.76
CA TYR A 449 16.53 -0.06 27.16
C TYR A 449 17.80 -0.18 27.99
N ASP A 450 18.63 -1.17 27.69
CA ASP A 450 19.82 -1.45 28.49
C ASP A 450 20.90 -0.40 28.32
N THR A 451 20.73 0.55 27.41
CA THR A 451 21.79 1.51 27.13
C THR A 451 22.13 2.39 28.31
N THR A 452 21.29 2.42 29.35
CA THR A 452 21.51 3.25 30.53
C THR A 452 22.02 2.45 31.72
N ASN A 453 22.67 1.31 31.49
CA ASN A 453 23.15 0.44 32.56
C ASN A 453 24.59 0.03 32.29
N ALA A 454 25.28 -0.35 33.36
CA ALA A 454 26.66 -0.81 33.22
C ALA A 454 26.74 -2.06 32.35
N ALA A 455 25.82 -3.00 32.57
CA ALA A 455 25.75 -4.18 31.73
C ALA A 455 25.52 -3.79 30.28
N GLY A 456 24.78 -2.70 30.05
CA GLY A 456 24.60 -2.22 28.70
C GLY A 456 25.91 -1.79 28.07
N VAL A 457 26.75 -1.10 28.84
CA VAL A 457 28.04 -0.67 28.32
C VAL A 457 28.90 -1.89 28.01
N GLU A 458 28.86 -2.90 28.89
CA GLU A 458 29.59 -4.14 28.62
C GLU A 458 29.12 -4.78 27.32
N THR A 459 27.79 -4.84 27.13
CA THR A 459 27.25 -5.45 25.92
C THR A 459 27.67 -4.68 24.69
N ALA A 460 27.64 -3.35 24.76
CA ALA A 460 28.04 -2.54 23.62
C ALA A 460 29.50 -2.77 23.29
N ARG A 461 30.35 -2.84 24.30
CA ARG A 461 31.76 -3.12 24.06
C ARG A 461 31.94 -4.50 23.42
N ASN A 462 31.21 -5.50 23.89
CA ASN A 462 31.29 -6.82 23.27
C ASN A 462 30.86 -6.78 21.81
N LEU A 463 29.77 -6.06 21.52
CA LEU A 463 29.27 -6.01 20.15
C LEU A 463 30.28 -5.33 19.24
N VAL A 464 30.87 -4.23 19.70
CA VAL A 464 31.84 -3.54 18.86
C VAL A 464 33.08 -4.40 18.67
N GLY A 465 33.46 -5.16 19.71
CA GLY A 465 34.57 -6.09 19.55
C GLY A 465 34.28 -7.14 18.50
N TRP A 466 33.06 -7.69 18.52
CA TRP A 466 32.70 -8.69 17.54
C TRP A 466 32.65 -8.12 16.13
N VAL A 467 32.12 -6.91 15.97
CA VAL A 467 32.11 -6.29 14.64
C VAL A 467 33.54 -6.07 14.16
N LYS A 468 34.40 -5.56 15.04
CA LYS A 468 35.79 -5.32 14.65
C LYS A 468 36.55 -6.60 14.36
N GLU A 469 36.06 -7.75 14.84
CA GLU A 469 36.76 -9.00 14.60
C GLU A 469 36.75 -9.41 13.13
N ILE A 470 35.90 -8.78 12.31
CA ILE A 470 35.78 -9.12 10.90
C ILE A 470 36.07 -7.92 10.02
N ASP A 471 35.38 -6.81 10.25
CA ASP A 471 35.51 -5.62 9.41
C ASP A 471 36.11 -4.48 10.22
N THR A 472 36.92 -3.67 9.53
CA THR A 472 37.54 -2.50 10.14
C THR A 472 37.46 -1.24 9.29
N THR A 473 37.05 -1.32 8.02
CA THR A 473 37.00 -0.17 7.14
C THR A 473 35.65 0.53 7.16
N ARG A 474 34.90 0.40 8.26
CA ARG A 474 33.60 1.03 8.37
C ARG A 474 33.34 1.39 9.82
N PRO A 475 32.87 2.60 10.10
CA PRO A 475 32.56 2.95 11.49
C PRO A 475 31.43 2.11 12.05
N THR A 476 31.47 1.89 13.35
CA THR A 476 30.34 1.34 14.08
C THR A 476 29.41 2.46 14.51
N THR A 477 28.21 2.09 14.96
CA THR A 477 27.19 3.08 15.26
C THR A 477 26.14 2.48 16.16
N ILE A 478 25.48 3.35 16.93
CA ILE A 478 24.32 2.98 17.73
C ILE A 478 23.28 4.07 17.60
N GLY A 479 22.00 3.67 17.52
CA GLY A 479 20.91 4.61 17.48
C GLY A 479 20.31 4.84 18.84
N GLU A 480 20.38 6.07 19.34
CA GLU A 480 19.99 6.39 20.70
C GLU A 480 18.96 7.51 20.71
N ASP A 481 18.02 7.43 21.65
CA ASP A 481 16.99 8.46 21.83
C ASP A 481 16.91 9.03 23.22
N LYS A 482 17.55 8.43 24.22
CA LYS A 482 17.34 8.84 25.60
C LYS A 482 17.81 10.26 25.88
N THR A 483 18.55 10.87 24.95
CA THR A 483 19.02 12.23 25.12
C THR A 483 18.00 13.26 24.65
N ARG A 484 16.81 12.84 24.22
CA ARG A 484 15.83 13.80 23.71
C ARG A 484 15.44 14.82 24.77
N GLY A 485 15.14 14.34 25.98
CA GLY A 485 14.73 15.26 27.03
C GLY A 485 13.48 16.00 26.65
N ASP A 486 13.53 17.33 26.76
CA ASP A 486 12.36 18.17 26.55
C ASP A 486 12.29 18.78 25.14
N LYS A 487 13.22 18.42 24.26
CA LYS A 487 13.22 18.86 22.88
C LYS A 487 13.55 20.34 22.71
N VAL A 488 13.74 21.09 23.81
CA VAL A 488 13.92 22.53 23.74
C VAL A 488 15.24 22.99 24.35
N ASN A 489 15.80 22.19 25.25
CA ASN A 489 17.08 22.51 25.86
C ASN A 489 18.06 21.36 25.66
N VAL A 490 19.35 21.70 25.69
CA VAL A 490 20.41 20.73 25.54
C VAL A 490 20.45 19.84 26.77
N THR A 491 19.97 18.62 26.64
CA THR A 491 19.85 17.73 27.78
C THR A 491 21.24 17.25 28.23
N PRO A 492 21.55 17.30 29.53
CA PRO A 492 22.77 16.63 30.00
C PRO A 492 22.72 15.13 29.72
N ILE A 493 23.88 14.57 29.42
CA ILE A 493 23.96 13.18 28.99
C ILE A 493 24.00 12.27 30.21
N ASN A 494 23.30 11.15 30.12
CA ASN A 494 23.32 10.16 31.19
C ASN A 494 24.72 9.56 31.32
N SER A 495 25.04 9.08 32.52
CA SER A 495 26.38 8.59 32.81
C SER A 495 26.85 7.54 31.81
N TYR A 496 26.03 6.50 31.61
CA TYR A 496 26.47 5.39 30.76
C TYR A 496 26.35 5.72 29.28
N ILE A 497 25.48 6.67 28.93
CA ILE A 497 25.30 6.99 27.52
C ILE A 497 26.56 7.63 26.95
N LYS A 498 27.24 8.46 27.74
CA LYS A 498 28.50 9.01 27.27
C LYS A 498 29.53 7.90 27.08
N GLU A 499 29.55 6.94 27.99
CA GLU A 499 30.47 5.81 27.84
C GLU A 499 30.21 5.08 26.53
N ILE A 500 28.94 4.79 26.23
CA ILE A 500 28.63 4.06 25.02
C ILE A 500 28.98 4.90 23.79
N PHE A 501 28.62 6.18 23.79
CA PHE A 501 28.95 7.04 22.68
C PHE A 501 30.46 7.16 22.48
N ASN A 502 31.24 6.99 23.54
CA ASN A 502 32.69 6.92 23.38
C ASN A 502 33.13 5.55 22.86
N ILE A 503 32.36 4.50 23.14
CA ILE A 503 32.73 3.16 22.66
C ILE A 503 32.62 3.10 21.14
N VAL A 504 31.50 3.56 20.59
CA VAL A 504 31.28 3.44 19.15
C VAL A 504 32.05 4.53 18.41
N ASP A 505 32.15 4.36 17.09
CA ASP A 505 32.94 5.28 16.28
C ASP A 505 32.13 6.50 15.84
N VAL A 506 30.86 6.30 15.49
CA VAL A 506 29.99 7.38 15.04
C VAL A 506 28.69 7.27 15.81
N VAL A 507 28.13 8.41 16.20
CA VAL A 507 26.98 8.46 17.09
C VAL A 507 25.77 8.97 16.31
N GLY A 508 24.62 8.33 16.53
CA GLY A 508 23.39 8.72 15.89
C GLY A 508 22.29 9.05 16.87
N LEU A 509 21.52 10.09 16.60
CA LEU A 509 20.54 10.63 17.54
C LEU A 509 19.14 10.53 16.95
N ASN A 510 18.20 10.06 17.77
CA ASN A 510 16.80 9.98 17.37
C ASN A 510 16.03 11.18 17.90
N TYR A 511 15.49 11.98 16.99
CA TYR A 511 14.55 13.04 17.34
C TYR A 511 15.14 14.01 18.37
N SER A 512 16.43 14.28 18.28
CA SER A 512 17.16 15.06 19.26
C SER A 512 17.88 16.23 18.62
N GLU A 513 17.17 16.98 17.78
CA GLU A 513 17.79 18.15 17.16
C GLU A 513 18.30 19.14 18.20
N ASN A 514 17.68 19.16 19.38
CA ASN A 514 18.09 20.06 20.45
C ASN A 514 19.46 19.73 21.00
N ASN A 515 20.18 18.71 20.53
CA ASN A 515 21.52 18.42 20.99
C ASN A 515 22.57 18.44 19.87
N TYR A 516 22.20 18.82 18.65
CA TYR A 516 23.10 18.64 17.52
C TYR A 516 24.39 19.42 17.70
N ASP A 517 24.29 20.69 18.09
CA ASP A 517 25.48 21.51 18.27
C ASP A 517 25.99 21.47 19.70
N GLY A 518 25.11 21.31 20.69
CA GLY A 518 25.57 21.29 22.07
C GLY A 518 26.55 20.18 22.33
N TYR A 519 26.23 18.97 21.89
CA TYR A 519 27.12 17.84 22.13
C TYR A 519 28.40 17.97 21.32
N HIS A 520 28.35 18.66 20.19
CA HIS A 520 29.57 18.95 19.44
C HIS A 520 30.53 19.78 20.30
N LYS A 521 29.98 20.79 20.98
CA LYS A 521 30.81 21.59 21.88
C LYS A 521 31.30 20.76 23.06
N GLN A 522 30.38 20.07 23.73
CA GLN A 522 30.72 19.38 24.97
C GLN A 522 31.60 18.15 24.72
N ASN A 523 31.65 17.66 23.49
CA ASN A 523 32.46 16.49 23.13
C ASN A 523 32.97 16.67 21.71
N PRO A 524 34.00 17.48 21.51
CA PRO A 524 34.45 17.76 20.14
C PRO A 524 34.86 16.52 19.36
N SER A 525 35.33 15.48 20.04
CA SER A 525 35.76 14.27 19.33
C SER A 525 34.61 13.49 18.73
N TRP A 526 33.37 13.81 19.08
CA TRP A 526 32.23 13.04 18.62
C TRP A 526 31.85 13.39 17.19
N LYS A 527 31.43 12.37 16.44
CA LYS A 527 30.94 12.52 15.08
C LYS A 527 29.47 12.16 15.09
N LEU A 528 28.62 13.13 14.73
CA LEU A 528 27.19 13.04 14.98
C LEU A 528 26.40 13.09 13.69
N TYR A 529 25.25 12.42 13.69
CA TYR A 529 24.33 12.45 12.57
C TYR A 529 22.95 12.11 13.09
N GLY A 530 21.93 12.49 12.31
CA GLY A 530 20.55 12.24 12.71
C GLY A 530 20.08 10.85 12.35
N SER A 531 20.00 9.95 13.33
CA SER A 531 19.59 8.59 13.05
C SER A 531 18.17 8.54 12.49
N GLU A 532 17.25 9.29 13.08
CA GLU A 532 15.92 9.43 12.53
C GLU A 532 15.29 10.71 13.05
N THR A 533 14.56 11.39 12.17
CA THR A 533 14.02 12.70 12.47
C THR A 533 12.65 12.83 11.81
N SER A 534 11.98 13.94 12.13
CA SER A 534 10.79 14.38 11.41
C SER A 534 9.71 13.30 11.35
N SER A 535 9.45 12.63 12.46
CA SER A 535 8.38 11.64 12.43
C SER A 535 7.05 12.37 12.32
N ALA A 536 6.53 12.45 11.09
CA ALA A 536 5.28 13.16 10.83
C ALA A 536 4.40 12.27 9.97
N THR A 537 3.09 12.44 10.11
CA THR A 537 2.11 11.52 9.54
C THR A 537 1.41 12.21 8.37
N ARG A 538 1.30 11.50 7.25
CA ARG A 538 0.68 12.02 6.05
C ARG A 538 -0.26 10.96 5.47
N SER A 539 -1.24 11.41 4.70
CA SER A 539 -2.08 10.53 3.90
C SER A 539 -2.27 11.15 2.53
N ARG A 540 -2.21 10.34 1.48
CA ARG A 540 -2.22 10.86 0.13
C ARG A 540 -3.55 11.53 -0.17
N GLY A 541 -3.50 12.74 -0.74
CA GLY A 541 -4.68 13.41 -1.21
C GLY A 541 -5.58 13.97 -0.14
N VAL A 542 -5.23 13.85 1.13
CA VAL A 542 -6.04 14.34 2.24
C VAL A 542 -5.49 15.70 2.65
N TYR A 543 -6.37 16.68 2.77
CA TYR A 543 -5.97 18.08 2.97
C TYR A 543 -6.85 18.74 4.03
N THR A 544 -7.00 18.08 5.17
CA THR A 544 -7.77 18.64 6.28
C THR A 544 -6.88 19.53 7.15
N HIS A 545 -7.53 20.48 7.83
CA HIS A 545 -6.85 21.34 8.80
C HIS A 545 -5.75 22.14 8.13
N PRO A 546 -6.10 23.05 7.22
CA PRO A 546 -5.05 23.74 6.45
C PRO A 546 -4.09 24.56 7.30
N TYR A 547 -4.56 25.13 8.41
CA TYR A 547 -3.77 26.10 9.16
C TYR A 547 -3.43 25.67 10.58
N GLN A 548 -4.11 24.69 11.14
CA GLN A 548 -3.89 24.27 12.52
C GLN A 548 -2.88 23.13 12.57
N TYR A 549 -1.88 23.27 13.44
CA TYR A 549 -0.83 22.27 13.59
C TYR A 549 -1.12 21.44 14.84
N ASN A 550 -1.49 20.19 14.63
CA ASN A 550 -1.81 19.29 15.73
C ASN A 550 -0.58 18.50 16.15
N GLN A 551 -0.77 17.62 17.13
CA GLN A 551 0.27 16.73 17.61
C GLN A 551 -0.37 15.46 18.14
N SER A 552 -0.21 14.36 17.41
CA SER A 552 -0.75 13.06 17.82
C SER A 552 -2.25 13.11 18.05
N THR A 553 -3.00 13.76 17.16
CA THR A 553 -4.44 13.88 17.27
C THR A 553 -5.11 12.89 16.32
N LYS A 554 -6.01 12.08 16.87
CA LYS A 554 -6.84 11.24 16.03
C LYS A 554 -7.86 12.08 15.28
N TYR A 555 -8.45 11.49 14.25
CA TYR A 555 -9.51 12.15 13.49
C TYR A 555 -10.59 11.13 13.16
N ALA A 556 -11.78 11.65 12.83
CA ALA A 556 -12.91 10.78 12.55
C ALA A 556 -12.66 9.91 11.34
N ASP A 557 -12.13 10.49 10.27
CA ASP A 557 -11.95 9.75 9.03
C ASP A 557 -10.78 8.78 9.07
N LEU A 558 -10.02 8.73 10.16
CA LEU A 558 -8.85 7.88 10.26
C LEU A 558 -7.82 8.22 9.17
N GLN A 559 -7.64 9.50 8.90
CA GLN A 559 -6.66 9.99 7.94
C GLN A 559 -5.84 11.11 8.58
N GLN A 560 -4.84 11.57 7.84
CA GLN A 560 -3.97 12.66 8.27
C GLN A 560 -3.80 13.61 7.11
N SER A 561 -3.32 14.81 7.41
CA SER A 561 -3.22 15.89 6.44
C SER A 561 -1.92 15.78 5.66
N SER A 562 -1.98 16.04 4.36
CA SER A 562 -0.79 16.13 3.53
C SER A 562 -0.19 17.53 3.52
N TYR A 563 -0.78 18.48 4.25
CA TYR A 563 -0.21 19.81 4.39
C TYR A 563 1.07 19.80 5.22
N ASP A 564 1.39 18.68 5.87
CA ASP A 564 2.51 18.59 6.81
C ASP A 564 2.28 19.45 8.04
N ASN A 565 1.02 19.70 8.37
CA ASN A 565 0.71 20.38 9.62
C ASN A 565 0.61 19.42 10.80
N ASP A 566 0.69 18.11 10.57
CA ASP A 566 0.42 17.12 11.59
C ASP A 566 1.65 16.24 11.79
N TYR A 567 1.93 15.90 13.05
CA TYR A 567 3.07 15.05 13.39
C TYR A 567 2.86 14.51 14.79
N VAL A 568 3.69 13.54 15.18
CA VAL A 568 3.57 12.94 16.50
C VAL A 568 4.24 13.85 17.52
N GLY A 569 3.96 13.59 18.80
CA GLY A 569 4.43 14.49 19.85
C GLY A 569 5.94 14.61 19.89
N TRP A 570 6.65 13.49 19.75
CA TRP A 570 8.10 13.49 19.85
C TRP A 570 8.80 13.82 18.56
N GLY A 571 8.07 14.10 17.48
CA GLY A 571 8.66 14.42 16.20
C GLY A 571 8.60 15.91 15.91
N ARG A 572 8.67 16.23 14.62
CA ARG A 572 8.60 17.61 14.17
C ARG A 572 8.04 17.62 12.76
N THR A 573 7.67 18.81 12.29
CA THR A 573 7.41 18.99 10.88
C THR A 573 8.72 18.86 10.11
N ALA A 574 8.62 18.39 8.88
CA ALA A 574 9.83 18.20 8.07
C ALA A 574 10.59 19.49 7.87
N GLU A 575 9.89 20.63 7.83
CA GLU A 575 10.58 21.90 7.66
C GLU A 575 11.53 22.16 8.81
N ASP A 576 11.07 21.95 10.05
CA ASP A 576 11.90 22.20 11.21
C ASP A 576 13.10 21.26 11.24
N ALA A 577 12.85 19.96 11.04
CA ALA A 577 13.93 18.99 11.09
C ALA A 577 14.96 19.24 10.01
N TRP A 578 14.52 19.70 8.84
CA TRP A 578 15.48 19.97 7.78
C TRP A 578 16.24 21.26 8.03
N LYS A 579 15.60 22.26 8.65
CA LYS A 579 16.31 23.48 8.98
C LYS A 579 17.37 23.22 10.04
N TYR A 580 17.06 22.37 11.01
CA TYR A 580 18.04 22.04 12.05
C TYR A 580 19.27 21.36 11.47
N ASP A 581 19.11 20.67 10.34
CA ASP A 581 20.21 19.91 9.74
C ASP A 581 20.99 20.75 8.75
N ARG A 582 20.30 21.53 7.91
CA ARG A 582 20.98 22.30 6.89
C ARG A 582 21.93 23.32 7.49
N ASP A 583 21.60 23.82 8.69
CA ASP A 583 22.36 24.92 9.26
C ASP A 583 23.71 24.49 9.80
N LEU A 584 23.87 23.23 10.18
CA LEU A 584 25.05 22.75 10.89
C LEU A 584 25.97 22.01 9.94
N LYS A 585 27.23 22.45 9.87
CA LYS A 585 28.21 21.78 9.02
C LYS A 585 28.58 20.41 9.58
N HIS A 586 28.85 20.34 10.89
CA HIS A 586 29.44 19.12 11.43
C HIS A 586 28.46 17.95 11.41
N ILE A 587 27.16 18.22 11.43
CA ILE A 587 26.18 17.14 11.35
C ILE A 587 26.32 16.44 10.01
N ALA A 588 26.49 15.12 10.05
CA ALA A 588 26.72 14.38 8.81
C ALA A 588 25.48 14.33 7.94
N GLY A 589 24.31 14.47 8.54
CA GLY A 589 23.06 14.42 7.80
C GLY A 589 21.96 13.89 8.68
N GLN A 590 20.82 13.58 8.07
CA GLN A 590 19.70 13.01 8.77
C GLN A 590 19.08 11.93 7.92
N PHE A 591 18.28 11.08 8.55
CA PHE A 591 17.53 10.04 7.87
C PHE A 591 16.06 10.21 8.21
N ILE A 592 15.28 10.76 7.27
CA ILE A 592 13.85 10.89 7.49
C ILE A 592 13.30 9.53 7.85
N TRP A 593 12.37 9.51 8.80
CA TRP A 593 11.78 8.26 9.24
C TRP A 593 10.80 7.76 8.19
N THR A 594 10.99 6.53 7.70
CA THR A 594 9.99 5.94 6.83
C THR A 594 9.79 6.67 5.52
N GLY A 595 10.66 6.45 4.54
CA GLY A 595 10.38 6.94 3.21
C GLY A 595 9.15 6.28 2.62
N PHE A 596 9.04 4.95 2.76
CA PHE A 596 7.90 4.19 2.29
C PHE A 596 6.99 3.81 3.44
N ASP A 597 5.71 4.13 3.30
CA ASP A 597 4.67 3.64 4.18
C ASP A 597 4.72 2.12 4.31
N TYR A 598 4.78 1.61 5.53
CA TYR A 598 4.87 0.17 5.74
C TYR A 598 3.64 -0.34 6.50
N ILE A 599 3.41 -1.65 6.39
CA ILE A 599 2.29 -2.25 7.09
C ILE A 599 2.53 -2.21 8.59
N GLY A 600 1.47 -1.91 9.34
CA GLY A 600 1.56 -1.92 10.79
C GLY A 600 2.10 -0.62 11.35
N GLU A 601 2.06 -0.54 12.68
CA GLU A 601 2.52 0.61 13.45
C GLU A 601 1.76 1.88 13.03
N PRO A 602 0.45 1.94 13.29
CA PRO A 602 -0.32 3.18 13.07
C PRO A 602 -0.34 4.10 14.29
N THR A 603 0.79 4.76 14.53
CA THR A 603 1.02 5.44 15.80
C THR A 603 -0.09 6.42 16.20
N PRO A 604 -0.57 7.31 15.32
CA PRO A 604 -1.64 8.21 15.76
C PRO A 604 -2.94 7.51 16.12
N TYR A 605 -3.08 6.22 15.79
CA TYR A 605 -4.33 5.51 16.03
C TYR A 605 -4.13 4.19 16.77
N TYR A 606 -3.44 4.22 17.90
CA TYR A 606 -3.29 3.00 18.69
C TYR A 606 -4.67 2.43 19.01
N ASN A 607 -4.81 1.13 18.82
CA ASN A 607 -6.06 0.42 19.11
C ASN A 607 -7.23 1.04 18.35
N SER A 608 -7.13 0.99 17.03
CA SER A 608 -8.23 1.39 16.15
C SER A 608 -8.18 0.46 14.95
N TYR A 609 -9.07 -0.54 14.95
CA TYR A 609 -8.91 -1.68 14.05
C TYR A 609 -8.80 -1.30 12.57
N PRO A 610 -9.62 -0.40 12.02
CA PRO A 610 -9.48 -0.09 10.59
C PRO A 610 -8.10 0.43 10.22
N ALA A 611 -7.44 1.17 11.10
CA ALA A 611 -6.10 1.67 10.86
C ALA A 611 -5.11 0.54 11.09
N LYS A 612 -4.35 0.19 10.04
CA LYS A 612 -3.43 -0.94 10.07
C LYS A 612 -2.06 -0.61 9.52
N SER A 613 -1.87 0.59 8.99
CA SER A 613 -0.65 0.96 8.29
C SER A 613 -0.06 2.21 8.91
N SER A 614 1.21 2.44 8.64
CA SER A 614 1.85 3.66 9.10
C SER A 614 1.33 4.85 8.31
N TYR A 615 1.64 6.04 8.81
CA TYR A 615 1.45 7.27 8.05
C TYR A 615 2.75 8.02 7.82
N PHE A 616 3.88 7.45 8.22
CA PHE A 616 5.12 8.21 8.22
C PHE A 616 5.67 8.38 6.82
N GLY A 617 5.29 7.48 5.90
CA GLY A 617 5.89 7.47 4.58
C GLY A 617 5.78 8.80 3.86
N ALA A 618 6.82 9.13 3.11
CA ALA A 618 6.70 10.15 2.09
C ALA A 618 6.17 9.57 0.78
N VAL A 619 6.14 8.25 0.67
CA VAL A 619 5.50 7.54 -0.44
C VAL A 619 4.63 6.44 0.14
N ASP A 620 3.41 6.34 -0.34
CA ASP A 620 2.45 5.41 0.24
C ASP A 620 2.90 3.96 0.01
N THR A 621 2.12 3.03 0.56
CA THR A 621 2.47 1.61 0.43
C THR A 621 2.55 1.17 -1.01
N ALA A 622 1.70 1.74 -1.87
CA ALA A 622 1.69 1.36 -3.28
C ALA A 622 2.86 1.94 -4.06
N GLY A 623 3.39 3.09 -3.65
CA GLY A 623 4.43 3.77 -4.38
C GLY A 623 4.04 5.11 -4.96
N PHE A 624 2.88 5.63 -4.62
CA PHE A 624 2.45 6.91 -5.15
C PHE A 624 2.95 8.03 -4.25
N PRO A 625 3.69 9.02 -4.77
CA PRO A 625 4.32 10.00 -3.88
C PRO A 625 3.30 10.95 -3.28
N LYS A 626 3.41 11.18 -1.98
CA LYS A 626 2.64 12.20 -1.30
C LYS A 626 3.40 13.52 -1.33
N ASP A 627 2.67 14.63 -1.19
CA ASP A 627 3.22 15.94 -1.57
C ASP A 627 4.54 16.24 -0.87
N ILE A 628 4.73 15.72 0.34
CA ILE A 628 6.01 15.95 1.01
C ILE A 628 7.15 15.29 0.25
N PHE A 629 6.86 14.26 -0.54
CA PHE A 629 7.83 13.78 -1.53
C PHE A 629 8.33 14.94 -2.36
N TYR A 630 7.40 15.75 -2.88
CA TYR A 630 7.80 16.86 -3.73
C TYR A 630 8.49 17.95 -2.91
N TYR A 631 8.13 18.13 -1.64
CA TYR A 631 8.89 19.06 -0.82
C TYR A 631 10.35 18.65 -0.73
N TYR A 632 10.60 17.39 -0.39
CA TYR A 632 11.97 16.93 -0.31
C TYR A 632 12.66 16.99 -1.67
N GLN A 633 11.93 16.73 -2.74
CA GLN A 633 12.50 16.86 -4.07
C GLN A 633 12.98 18.29 -4.30
N SER A 634 12.18 19.26 -3.90
CA SER A 634 12.57 20.65 -4.04
C SER A 634 13.81 20.96 -3.21
N GLN A 635 13.85 20.45 -1.98
CA GLN A 635 14.93 20.83 -1.07
C GLN A 635 16.26 20.18 -1.43
N TRP A 636 16.25 18.90 -1.81
CA TRP A 636 17.48 18.14 -1.96
C TRP A 636 17.97 18.03 -3.39
N LYS A 637 17.07 17.98 -4.37
CA LYS A 637 17.53 17.87 -5.75
C LYS A 637 18.12 19.19 -6.23
N LYS A 638 18.81 19.11 -7.37
CA LYS A 638 19.46 20.26 -7.97
C LYS A 638 18.64 20.86 -9.10
N GLU A 639 18.06 20.02 -9.96
CA GLU A 639 17.38 20.52 -11.15
C GLU A 639 16.12 21.27 -10.77
N PRO A 640 15.68 22.22 -11.60
CA PRO A 640 14.49 23.01 -11.26
C PRO A 640 13.24 22.16 -11.27
N MET A 641 12.25 22.61 -10.51
CA MET A 641 10.99 21.88 -10.39
C MET A 641 9.97 22.81 -9.73
N VAL A 642 8.73 22.35 -9.69
CA VAL A 642 7.66 23.07 -9.02
C VAL A 642 6.46 22.16 -8.94
N HIS A 643 5.71 22.26 -7.84
CA HIS A 643 4.59 21.37 -7.59
C HIS A 643 3.57 22.06 -6.70
N LEU A 644 2.30 22.02 -7.11
CA LEU A 644 1.22 22.65 -6.35
C LEU A 644 0.56 21.62 -5.45
N LEU A 645 0.36 21.99 -4.18
CA LEU A 645 0.01 20.99 -3.18
C LEU A 645 -1.44 20.54 -3.28
N PRO A 646 -2.44 21.41 -3.15
CA PRO A 646 -3.82 20.93 -3.02
C PRO A 646 -4.49 20.76 -4.37
N HIS A 647 -5.40 19.79 -4.44
CA HIS A 647 -6.20 19.62 -5.64
C HIS A 647 -7.17 20.79 -5.78
N TRP A 648 -7.92 20.79 -6.87
CA TRP A 648 -8.74 21.92 -7.27
C TRP A 648 -10.19 21.49 -7.49
N ASN A 649 -10.76 20.79 -6.52
CA ASN A 649 -12.16 20.37 -6.54
C ASN A 649 -12.87 20.75 -5.25
N TRP A 650 -12.65 21.97 -4.76
CA TRP A 650 -13.28 22.44 -3.54
C TRP A 650 -14.60 23.11 -3.85
N LYS A 651 -15.28 23.57 -2.80
CA LYS A 651 -16.54 24.27 -2.97
C LYS A 651 -16.30 25.67 -3.52
N GLU A 652 -17.38 26.29 -3.97
CA GLU A 652 -17.30 27.59 -4.62
C GLU A 652 -17.17 28.70 -3.58
N GLY A 653 -16.23 29.61 -3.81
CA GLY A 653 -16.15 30.85 -3.08
C GLY A 653 -15.27 30.83 -1.85
N GLU A 654 -14.97 29.65 -1.31
CA GLU A 654 -14.19 29.56 -0.09
C GLU A 654 -12.70 29.70 -0.39
N LYS A 655 -11.98 30.34 0.52
CA LYS A 655 -10.53 30.45 0.40
C LYS A 655 -9.89 29.09 0.63
N VAL A 656 -8.78 28.83 -0.07
CA VAL A 656 -8.08 27.56 0.01
C VAL A 656 -6.59 27.85 0.13
N ARG A 657 -5.91 27.06 0.96
CA ARG A 657 -4.48 27.23 1.19
C ARG A 657 -3.71 26.49 0.10
N VAL A 658 -3.17 27.25 -0.86
CA VAL A 658 -2.38 26.71 -1.95
C VAL A 658 -0.93 27.12 -1.71
N LEU A 659 -0.04 26.15 -1.67
CA LEU A 659 1.39 26.39 -1.47
C LEU A 659 2.16 25.55 -2.46
N ALA A 660 3.19 26.14 -3.05
CA ALA A 660 3.93 25.53 -4.15
C ALA A 660 5.35 25.26 -3.68
N TYR A 661 5.67 23.99 -3.46
CA TYR A 661 7.06 23.60 -3.25
C TYR A 661 7.85 23.90 -4.53
N THR A 662 9.06 24.39 -4.35
CA THR A 662 9.91 24.67 -5.51
C THR A 662 11.28 25.10 -5.03
N ASN A 663 12.27 24.89 -5.88
CA ASN A 663 13.62 25.40 -5.67
C ASN A 663 13.95 26.55 -6.60
N ALA A 664 12.97 27.08 -7.32
CA ALA A 664 13.19 28.23 -8.18
C ALA A 664 13.10 29.51 -7.35
N SER A 665 13.69 30.58 -7.90
CA SER A 665 13.73 31.86 -7.18
C SER A 665 12.38 32.57 -7.19
N LYS A 666 11.55 32.33 -8.20
CA LYS A 666 10.27 33.01 -8.31
C LYS A 666 9.22 32.07 -8.88
N VAL A 667 8.02 32.17 -8.34
CA VAL A 667 6.87 31.43 -8.84
C VAL A 667 5.65 32.34 -8.75
N GLU A 668 4.81 32.31 -9.77
CA GLU A 668 3.57 33.08 -9.80
C GLU A 668 2.43 32.19 -10.25
N LEU A 669 1.31 32.28 -9.54
CA LEU A 669 0.12 31.53 -9.91
C LEU A 669 -0.63 32.24 -11.02
N VAL A 670 -1.23 31.47 -11.92
CA VAL A 670 -2.04 31.99 -13.01
C VAL A 670 -3.32 31.18 -13.04
N LEU A 671 -4.40 31.76 -12.54
CA LEU A 671 -5.69 31.07 -12.46
C LEU A 671 -6.54 31.51 -13.64
N ASN A 672 -6.81 30.57 -14.55
CA ASN A 672 -7.66 30.83 -15.71
C ASN A 672 -7.17 32.03 -16.52
N GLY A 673 -5.85 32.21 -16.57
CA GLY A 673 -5.24 33.23 -17.39
C GLY A 673 -4.88 34.51 -16.67
N GLU A 674 -5.37 34.72 -15.44
CA GLU A 674 -5.06 35.91 -14.67
C GLU A 674 -4.11 35.58 -13.54
N SER A 675 -3.13 36.45 -13.33
CA SER A 675 -2.15 36.25 -12.27
C SER A 675 -2.75 36.56 -10.91
N LEU A 676 -2.05 36.11 -9.86
CA LEU A 676 -2.50 36.31 -8.49
C LEU A 676 -1.41 36.77 -7.53
N GLY A 677 -0.15 36.77 -7.95
CA GLY A 677 0.92 37.19 -7.08
C GLY A 677 2.20 36.42 -7.34
N GLU A 678 3.31 37.15 -7.44
CA GLU A 678 4.62 36.57 -7.74
C GLU A 678 5.44 36.54 -6.47
N LYS A 679 5.49 35.38 -5.83
CA LYS A 679 6.28 35.20 -4.62
C LYS A 679 7.74 34.96 -4.98
N ASN A 680 8.60 34.96 -3.96
CA ASN A 680 10.03 34.81 -4.19
C ASN A 680 10.71 34.34 -2.91
N TYR A 681 11.97 33.96 -3.05
CA TYR A 681 12.81 33.53 -1.96
C TYR A 681 13.86 34.58 -1.66
N ASP A 682 14.74 34.28 -0.71
CA ASP A 682 15.92 35.10 -0.41
C ASP A 682 17.14 34.19 -0.57
N ASN A 683 18.11 34.64 -1.36
CA ASN A 683 19.29 33.84 -1.62
C ASN A 683 20.19 33.79 -0.40
N LYS A 684 19.75 33.09 0.64
CA LYS A 684 20.50 33.03 1.88
C LYS A 684 21.76 32.18 1.71
N GLN A 685 22.65 32.30 2.69
CA GLN A 685 23.86 31.49 2.74
C GLN A 685 24.16 31.14 4.19
N THR A 686 24.56 29.90 4.43
CA THR A 686 24.84 29.46 5.79
C THR A 686 26.18 30.02 6.25
N SER A 687 26.55 29.68 7.49
CA SER A 687 27.73 30.27 8.11
C SER A 687 28.98 29.97 7.31
N TRP A 688 29.16 28.71 6.90
CA TRP A 688 30.33 28.36 6.12
C TRP A 688 30.14 28.59 4.62
N GLY A 689 28.97 29.06 4.20
CA GLY A 689 28.78 29.48 2.83
C GLY A 689 28.07 28.47 1.96
N ALA A 690 27.04 27.82 2.50
CA ALA A 690 26.24 26.88 1.73
C ALA A 690 25.02 27.61 1.20
N PRO A 691 24.86 27.80 -0.12
CA PRO A 691 23.69 28.53 -0.62
C PRO A 691 22.41 27.75 -0.38
N TYR A 692 21.32 28.49 -0.16
CA TYR A 692 20.00 27.90 -0.06
C TYR A 692 18.97 29.00 -0.21
N LYS A 693 17.74 28.59 -0.48
CA LYS A 693 16.64 29.51 -0.75
C LYS A 693 15.58 29.41 0.33
N GLU A 694 15.00 30.54 0.69
CA GLU A 694 14.03 30.61 1.77
C GLU A 694 13.42 32.00 1.76
N THR A 695 12.23 32.11 2.36
CA THR A 695 11.53 33.40 2.41
C THR A 695 12.01 34.23 3.59
N LYS A 696 11.63 35.51 3.57
CA LYS A 696 11.98 36.40 4.67
C LYS A 696 11.41 35.89 5.99
N ASP A 697 10.19 35.34 5.95
CA ASP A 697 9.59 34.81 7.16
C ASP A 697 10.45 33.68 7.72
N GLY A 698 10.93 32.80 6.85
CA GLY A 698 11.71 31.65 7.27
C GLY A 698 11.06 30.34 6.87
N LYS A 699 10.10 30.40 5.95
CA LYS A 699 9.52 29.20 5.37
C LYS A 699 10.28 28.82 4.10
N THR A 700 10.34 27.52 3.83
CA THR A 700 11.02 27.01 2.65
C THR A 700 10.09 26.76 1.47
N TYR A 701 8.82 27.13 1.58
CA TYR A 701 7.87 27.00 0.49
C TYR A 701 7.07 28.28 0.35
N LEU A 702 6.58 28.53 -0.87
CA LEU A 702 5.77 29.70 -1.16
C LEU A 702 4.30 29.34 -0.97
N GLU A 703 3.49 30.34 -0.62
CA GLU A 703 2.11 30.09 -0.25
C GLU A 703 1.19 31.18 -0.76
N TRP A 704 -0.06 30.80 -1.03
CA TRP A 704 -1.12 31.73 -1.37
C TRP A 704 -2.39 31.32 -0.67
N ALA A 705 -3.35 32.24 -0.61
CA ALA A 705 -4.69 31.96 -0.13
C ALA A 705 -5.64 32.47 -1.21
N VAL A 706 -6.20 31.54 -1.98
CA VAL A 706 -6.97 31.86 -3.18
C VAL A 706 -8.43 31.48 -2.93
N PRO A 707 -9.40 32.32 -3.29
CA PRO A 707 -10.80 31.88 -3.28
C PRO A 707 -11.07 30.95 -4.45
N PHE A 708 -11.59 29.76 -4.15
CA PHE A 708 -11.71 28.74 -5.18
C PHE A 708 -12.68 29.17 -6.27
N LYS A 709 -12.34 28.84 -7.51
CA LYS A 709 -13.19 29.05 -8.66
C LYS A 709 -12.85 27.91 -9.62
N PRO A 710 -13.82 27.13 -10.09
CA PRO A 710 -13.47 26.00 -10.97
C PRO A 710 -12.76 26.47 -12.22
N GLY A 711 -11.79 25.68 -12.65
CA GLY A 711 -10.99 26.01 -13.80
C GLY A 711 -9.63 25.36 -13.70
N LYS A 712 -8.64 26.04 -14.27
CA LYS A 712 -7.27 25.55 -14.31
C LYS A 712 -6.37 26.52 -13.53
N LEU A 713 -5.53 25.96 -12.67
CA LEU A 713 -4.58 26.74 -11.86
C LEU A 713 -3.18 26.28 -12.21
N GLU A 714 -2.43 27.13 -12.91
CA GLU A 714 -1.09 26.80 -13.37
C GLU A 714 -0.08 27.67 -12.64
N ALA A 715 1.06 27.07 -12.30
CA ALA A 715 2.16 27.75 -11.65
C ALA A 715 3.38 27.70 -12.57
N VAL A 716 4.03 28.84 -12.72
CA VAL A 716 5.20 28.98 -13.59
C VAL A 716 6.38 29.40 -12.72
N ALA A 717 7.48 28.67 -12.82
CA ALA A 717 8.68 28.96 -12.07
C ALA A 717 9.65 29.75 -12.94
N LYS A 718 10.23 30.80 -12.37
CA LYS A 718 11.09 31.70 -13.11
C LYS A 718 12.35 31.98 -12.31
N ASP A 719 13.50 31.97 -12.99
CA ASP A 719 14.76 32.22 -12.32
C ASP A 719 14.86 33.68 -11.92
N GLU A 720 15.98 34.05 -11.30
CA GLU A 720 16.14 35.41 -10.80
C GLU A 720 16.06 36.43 -11.93
N ASN A 721 16.52 36.06 -13.13
CA ASN A 721 16.46 36.96 -14.28
C ASN A 721 15.08 37.01 -14.92
N GLY A 722 14.14 36.20 -14.47
CA GLY A 722 12.78 36.21 -14.96
C GLY A 722 12.46 35.13 -15.97
N LYS A 723 13.48 34.51 -16.57
CA LYS A 723 13.24 33.47 -17.56
C LYS A 723 12.48 32.30 -16.94
N VAL A 724 11.49 31.80 -17.68
CA VAL A 724 10.76 30.63 -17.25
C VAL A 724 11.71 29.44 -17.17
N ILE A 725 11.57 28.65 -16.09
CA ILE A 725 12.44 27.51 -15.85
C ILE A 725 11.65 26.21 -15.78
N ALA A 726 10.46 26.22 -15.20
CA ALA A 726 9.65 25.01 -15.09
C ALA A 726 8.20 25.41 -14.86
N ARG A 727 7.30 24.43 -15.02
CA ARG A 727 5.87 24.69 -14.94
C ARG A 727 5.17 23.52 -14.27
N ASP A 728 3.98 23.80 -13.75
CA ASP A 728 3.11 22.76 -13.20
C ASP A 728 1.70 23.32 -13.14
N GLN A 729 0.71 22.42 -13.09
CA GLN A 729 -0.68 22.82 -13.14
C GLN A 729 -1.53 21.84 -12.34
N VAL A 730 -2.73 22.30 -12.00
CA VAL A 730 -3.74 21.45 -11.37
C VAL A 730 -5.11 21.93 -11.85
N VAL A 731 -5.97 20.99 -12.23
CA VAL A 731 -7.22 21.29 -12.91
C VAL A 731 -8.37 20.69 -12.12
N THR A 732 -9.53 21.33 -12.22
CA THR A 732 -10.74 20.83 -11.56
C THR A 732 -11.26 19.61 -12.30
N ALA A 733 -11.39 18.49 -11.60
CA ALA A 733 -11.84 17.26 -12.22
C ALA A 733 -13.35 17.22 -12.30
N GLY A 734 -13.86 16.75 -13.44
CA GLY A 734 -15.28 16.57 -13.63
C GLY A 734 -15.76 15.26 -13.04
N GLU A 735 -16.94 14.84 -13.48
CA GLU A 735 -17.51 13.61 -12.97
C GLU A 735 -16.66 12.42 -13.41
N PRO A 736 -16.67 11.32 -12.65
CA PRO A 736 -15.95 10.13 -13.09
C PRO A 736 -16.44 9.66 -14.44
N ALA A 737 -15.49 9.43 -15.36
CA ALA A 737 -15.81 9.07 -16.74
C ALA A 737 -15.26 7.70 -17.12
N SER A 738 -13.97 7.45 -16.86
CA SER A 738 -13.34 6.22 -17.32
C SER A 738 -12.19 5.87 -16.39
N VAL A 739 -11.74 4.62 -16.51
CA VAL A 739 -10.65 4.08 -15.70
C VAL A 739 -9.45 3.92 -16.60
N ARG A 740 -8.39 4.68 -16.33
CA ARG A 740 -7.18 4.63 -17.14
C ARG A 740 -6.14 3.73 -16.48
N LEU A 741 -5.44 2.96 -17.30
CA LEU A 741 -4.37 2.08 -16.85
C LEU A 741 -3.07 2.52 -17.49
N THR A 742 -2.03 2.67 -16.67
CA THR A 742 -0.68 2.95 -17.14
C THR A 742 0.28 2.02 -16.42
N ALA A 743 1.23 1.46 -17.17
CA ALA A 743 2.20 0.53 -16.61
C ALA A 743 3.53 1.23 -16.40
N ASP A 744 4.25 0.82 -15.36
CA ASP A 744 5.56 1.39 -15.09
C ASP A 744 6.51 1.12 -16.24
N ARG A 745 6.51 -0.11 -16.75
CA ARG A 745 7.32 -0.48 -17.89
C ARG A 745 6.66 -1.68 -18.56
N LYS A 746 6.50 -1.61 -19.87
CA LYS A 746 5.70 -2.59 -20.60
C LYS A 746 6.52 -3.77 -21.11
N VAL A 747 7.82 -3.82 -20.84
CA VAL A 747 8.68 -4.92 -21.27
C VAL A 747 9.32 -5.50 -20.00
N VAL A 748 9.04 -6.77 -19.72
CA VAL A 748 9.57 -7.45 -18.55
C VAL A 748 10.15 -8.78 -18.97
N LYS A 749 11.10 -9.27 -18.19
CA LYS A 749 11.75 -10.53 -18.51
C LYS A 749 10.84 -11.71 -18.16
N ALA A 750 10.98 -12.79 -18.92
CA ALA A 750 10.18 -14.00 -18.71
C ALA A 750 10.90 -14.98 -17.77
N ASP A 751 11.34 -14.48 -16.62
CA ASP A 751 12.06 -15.29 -15.65
C ASP A 751 11.19 -15.76 -14.51
N GLY A 752 9.89 -15.49 -14.56
CA GLY A 752 8.97 -15.96 -13.54
C GLY A 752 8.86 -15.08 -12.32
N THR A 753 9.67 -14.02 -12.22
CA THR A 753 9.62 -13.15 -11.05
C THR A 753 9.69 -11.66 -11.39
N ASP A 754 9.99 -11.28 -12.62
CA ASP A 754 10.01 -9.88 -12.96
C ASP A 754 8.60 -9.30 -12.84
N LEU A 755 8.52 -8.06 -12.36
CA LEU A 755 7.25 -7.42 -12.04
C LEU A 755 7.04 -6.20 -12.92
N SER A 756 5.77 -5.89 -13.15
CA SER A 756 5.36 -4.63 -13.77
C SER A 756 4.24 -4.04 -12.93
N PHE A 757 4.37 -2.77 -12.60
CA PHE A 757 3.41 -2.08 -11.74
C PHE A 757 2.51 -1.22 -12.61
N ILE A 758 1.20 -1.40 -12.45
CA ILE A 758 0.20 -0.77 -13.31
C ILE A 758 -0.68 0.12 -12.44
N THR A 759 -0.73 1.40 -12.78
CA THR A 759 -1.49 2.39 -12.03
C THR A 759 -2.88 2.53 -12.62
N ALA A 760 -3.90 2.16 -11.85
CA ALA A 760 -5.29 2.30 -12.24
C ALA A 760 -5.84 3.56 -11.59
N ASP A 761 -5.97 4.62 -12.38
CA ASP A 761 -6.43 5.92 -11.89
C ASP A 761 -7.73 6.30 -12.57
N ILE A 762 -8.72 6.70 -11.78
CA ILE A 762 -10.02 7.10 -12.29
C ILE A 762 -9.92 8.54 -12.78
N VAL A 763 -10.40 8.81 -13.98
CA VAL A 763 -10.29 10.12 -14.60
C VAL A 763 -11.65 10.56 -15.12
N ASP A 764 -11.79 11.87 -15.31
CA ASP A 764 -12.97 12.43 -15.93
C ASP A 764 -12.88 12.29 -17.44
N SER A 765 -13.81 12.92 -18.16
CA SER A 765 -13.84 12.81 -19.60
C SER A 765 -12.58 13.38 -20.24
N LYS A 766 -12.02 14.44 -19.67
CA LYS A 766 -10.83 15.05 -20.23
C LYS A 766 -9.55 14.31 -19.86
N GLY A 767 -9.62 13.30 -19.01
CA GLY A 767 -8.43 12.59 -18.58
C GLY A 767 -7.75 13.16 -17.36
N ILE A 768 -8.47 13.88 -16.51
CA ILE A 768 -7.93 14.42 -15.27
C ILE A 768 -8.35 13.51 -14.13
N VAL A 769 -7.37 13.09 -13.32
CA VAL A 769 -7.67 12.19 -12.21
C VAL A 769 -8.63 12.88 -11.26
N VAL A 770 -9.70 12.19 -10.90
CA VAL A 770 -10.65 12.74 -9.93
C VAL A 770 -9.96 12.74 -8.57
N PRO A 771 -9.89 13.87 -7.87
CA PRO A 771 -9.08 13.93 -6.64
C PRO A 771 -9.76 13.36 -5.41
N ASP A 772 -10.95 12.76 -5.53
CA ASP A 772 -11.59 12.14 -4.38
C ASP A 772 -12.31 10.84 -4.70
N ALA A 773 -12.14 10.29 -5.90
CA ALA A 773 -12.87 9.08 -6.27
C ALA A 773 -12.44 7.91 -5.41
N ASP A 774 -13.41 7.02 -5.10
CA ASP A 774 -13.12 5.85 -4.30
C ASP A 774 -13.88 4.61 -4.79
N HIS A 775 -14.19 4.53 -6.07
CA HIS A 775 -14.99 3.42 -6.57
C HIS A 775 -14.23 2.11 -6.45
N LEU A 776 -14.93 1.00 -6.65
CA LEU A 776 -14.35 -0.34 -6.54
C LEU A 776 -13.92 -0.82 -7.91
N ILE A 777 -12.63 -1.11 -8.06
CA ILE A 777 -12.04 -1.52 -9.33
C ILE A 777 -11.83 -3.02 -9.28
N THR A 778 -12.24 -3.71 -10.33
CA THR A 778 -12.06 -5.15 -10.48
C THR A 778 -11.05 -5.39 -11.59
N PHE A 779 -9.97 -6.09 -11.26
CA PHE A 779 -8.90 -6.38 -12.21
C PHE A 779 -9.01 -7.81 -12.68
N ASN A 780 -8.94 -8.01 -13.99
CA ASN A 780 -8.88 -9.33 -14.61
C ASN A 780 -7.63 -9.38 -15.47
N VAL A 781 -6.76 -10.35 -15.20
CA VAL A 781 -5.49 -10.49 -15.91
C VAL A 781 -5.41 -11.89 -16.48
N THR A 782 -5.03 -11.98 -17.75
CA THR A 782 -4.77 -13.24 -18.42
C THR A 782 -3.53 -13.08 -19.28
N GLY A 783 -2.95 -14.23 -19.66
CA GLY A 783 -1.73 -14.25 -20.45
C GLY A 783 -0.61 -14.97 -19.74
N GLN A 784 0.61 -14.63 -20.11
CA GLN A 784 1.79 -15.27 -19.52
C GLN A 784 2.20 -14.53 -18.25
N GLY A 785 1.26 -14.38 -17.33
CA GLY A 785 1.53 -13.69 -16.08
C GLY A 785 0.30 -13.77 -15.20
N GLU A 786 0.49 -13.37 -13.94
CA GLU A 786 -0.57 -13.47 -12.95
C GLU A 786 -0.62 -12.19 -12.12
N LEU A 787 -1.76 -11.97 -11.48
CA LEU A 787 -1.97 -10.79 -10.66
C LEU A 787 -1.36 -11.03 -9.28
N ALA A 788 -0.13 -10.59 -9.10
CA ALA A 788 0.57 -10.82 -7.83
C ALA A 788 -0.09 -10.09 -6.67
N GLY A 789 -0.51 -8.85 -6.88
CA GLY A 789 -1.12 -8.09 -5.81
C GLY A 789 -1.76 -6.83 -6.34
N VAL A 790 -2.69 -6.30 -5.54
CA VAL A 790 -3.42 -5.08 -5.86
C VAL A 790 -3.40 -4.19 -4.63
N ASP A 791 -3.36 -2.89 -4.84
CA ASP A 791 -3.22 -1.96 -3.72
C ASP A 791 -3.82 -0.61 -4.06
N ASN A 792 -4.09 0.15 -3.00
CA ASN A 792 -4.48 1.55 -3.12
C ASN A 792 -3.71 2.47 -2.20
N GLY A 793 -3.07 1.95 -1.16
CA GLY A 793 -2.30 2.78 -0.25
C GLY A 793 -3.08 3.43 0.86
N ASN A 794 -4.39 3.15 0.97
CA ASN A 794 -5.17 3.68 2.07
C ASN A 794 -4.75 3.00 3.37
N ALA A 795 -4.34 3.77 4.36
CA ALA A 795 -3.88 3.19 5.61
C ALA A 795 -5.03 2.62 6.43
N SER A 796 -6.24 3.16 6.27
CA SER A 796 -7.39 2.77 7.08
C SER A 796 -8.31 1.81 6.35
N SER A 797 -7.80 1.09 5.35
CA SER A 797 -8.59 0.15 4.57
C SER A 797 -8.11 -1.27 4.84
N VAL A 798 -9.04 -2.14 5.20
CA VAL A 798 -8.71 -3.52 5.54
C VAL A 798 -9.08 -4.43 4.37
N GLU A 799 -9.16 -3.87 3.17
CA GLU A 799 -9.34 -4.70 1.98
C GLU A 799 -8.11 -5.57 1.78
N ARG A 800 -8.32 -6.87 1.62
CA ARG A 800 -7.21 -7.80 1.53
C ARG A 800 -6.33 -7.48 0.32
N TYR A 801 -5.01 -7.59 0.52
CA TYR A 801 -4.06 -7.29 -0.53
C TYR A 801 -4.11 -8.28 -1.68
N LYS A 802 -4.21 -9.57 -1.38
CA LYS A 802 -4.17 -10.61 -2.40
C LYS A 802 -5.59 -10.92 -2.87
N ASP A 803 -6.04 -10.11 -3.84
CA ASP A 803 -7.37 -10.28 -4.39
C ASP A 803 -7.42 -9.55 -5.73
N ASN A 804 -8.47 -9.83 -6.50
CA ASN A 804 -8.60 -9.25 -7.84
C ASN A 804 -9.24 -7.88 -7.84
N LYS A 805 -9.82 -7.43 -6.71
CA LYS A 805 -10.55 -6.18 -6.66
C LYS A 805 -10.03 -5.33 -5.50
N ARG A 806 -10.12 -4.02 -5.67
CA ARG A 806 -9.58 -3.08 -4.69
C ARG A 806 -10.22 -1.72 -4.92
N LYS A 807 -10.64 -1.08 -3.84
CA LYS A 807 -11.21 0.26 -3.95
C LYS A 807 -10.12 1.29 -4.19
N ALA A 808 -10.36 2.18 -5.15
CA ALA A 808 -9.47 3.31 -5.35
C ALA A 808 -9.50 4.20 -4.11
N PHE A 809 -8.39 4.88 -3.87
CA PHE A 809 -8.26 5.80 -2.75
C PHE A 809 -7.67 7.10 -3.26
N SER A 810 -8.41 8.19 -3.10
CA SER A 810 -7.99 9.50 -3.59
C SER A 810 -7.72 9.46 -5.09
N GLY A 811 -8.45 8.60 -5.79
CA GLY A 811 -8.47 8.59 -7.23
C GLY A 811 -7.47 7.66 -7.90
N LYS A 812 -6.80 6.79 -7.15
CA LYS A 812 -5.82 5.89 -7.74
C LYS A 812 -5.80 4.55 -7.01
N ALA A 813 -5.29 3.54 -7.71
CA ALA A 813 -5.05 2.23 -7.15
C ALA A 813 -3.97 1.56 -7.98
N LEU A 814 -3.36 0.52 -7.42
CA LEU A 814 -2.22 -0.16 -8.01
C LEU A 814 -2.54 -1.63 -8.19
N ALA A 815 -2.11 -2.20 -9.31
CA ALA A 815 -2.21 -3.62 -9.58
C ALA A 815 -0.84 -4.14 -10.03
N ILE A 816 -0.44 -5.28 -9.47
CA ILE A 816 0.89 -5.84 -9.67
C ILE A 816 0.76 -7.11 -10.47
N VAL A 817 1.45 -7.18 -11.60
CA VAL A 817 1.48 -8.37 -12.45
C VAL A 817 2.91 -8.89 -12.48
N GLN A 818 3.07 -10.19 -12.29
CA GLN A 818 4.37 -10.84 -12.37
C GLN A 818 4.36 -11.84 -13.51
N SER A 819 5.42 -11.86 -14.29
CA SER A 819 5.49 -12.72 -15.46
C SER A 819 5.77 -14.16 -15.06
N SER A 820 5.60 -15.06 -16.02
CA SER A 820 5.89 -16.47 -15.85
C SER A 820 7.14 -16.84 -16.65
N LYS A 821 7.47 -18.13 -16.63
CA LYS A 821 8.66 -18.59 -17.34
C LYS A 821 8.54 -18.43 -18.85
N LEU A 822 7.32 -18.44 -19.39
CA LEU A 822 7.11 -18.45 -20.82
C LEU A 822 7.00 -17.04 -21.37
N SER A 823 7.72 -16.77 -22.45
CA SER A 823 7.58 -15.49 -23.12
C SER A 823 6.18 -15.33 -23.67
N GLY A 824 5.80 -14.09 -23.93
CA GLY A 824 4.48 -13.82 -24.49
C GLY A 824 3.95 -12.44 -24.20
N LYS A 825 2.72 -12.38 -23.68
CA LYS A 825 2.03 -11.12 -23.45
C LYS A 825 1.12 -11.28 -22.25
N ILE A 826 0.95 -10.19 -21.51
CA ILE A 826 0.06 -10.15 -20.35
C ILE A 826 -0.97 -9.07 -20.63
N THR A 827 -2.25 -9.42 -20.57
CA THR A 827 -3.34 -8.49 -20.82
C THR A 827 -4.02 -8.18 -19.49
N VAL A 828 -4.12 -6.89 -19.18
CA VAL A 828 -4.70 -6.41 -17.92
C VAL A 828 -5.99 -5.67 -18.28
N HIS A 829 -7.09 -6.10 -17.70
CA HIS A 829 -8.41 -5.52 -17.94
C HIS A 829 -8.98 -5.08 -16.60
N ALA A 830 -9.36 -3.80 -16.52
CA ALA A 830 -9.89 -3.20 -15.30
C ALA A 830 -11.22 -2.54 -15.62
N SER A 831 -12.21 -2.74 -14.76
CA SER A 831 -13.55 -2.23 -15.01
C SER A 831 -14.24 -1.83 -13.73
N VAL A 832 -15.09 -0.80 -13.83
CA VAL A 832 -15.87 -0.27 -12.72
C VAL A 832 -17.30 -0.07 -13.17
N ALA A 833 -18.24 -0.35 -12.26
CA ALA A 833 -19.65 -0.14 -12.55
C ALA A 833 -19.92 1.31 -12.91
N GLY A 834 -20.61 1.51 -14.02
CA GLY A 834 -20.94 2.85 -14.46
C GLY A 834 -19.79 3.63 -15.05
N LEU A 835 -18.68 2.98 -15.38
CA LEU A 835 -17.53 3.63 -15.97
C LEU A 835 -16.98 2.78 -17.11
N SER A 836 -16.33 3.43 -18.06
CA SER A 836 -15.77 2.72 -19.21
C SER A 836 -14.50 1.99 -18.80
N SER A 837 -14.47 0.68 -19.04
CA SER A 837 -13.32 -0.13 -18.69
C SER A 837 -12.13 0.25 -19.58
N ASP A 838 -11.00 -0.43 -19.37
CA ASP A 838 -9.82 -0.16 -20.16
C ASP A 838 -8.93 -1.40 -20.09
N SER A 839 -8.06 -1.53 -21.08
CA SER A 839 -7.14 -2.66 -21.18
C SER A 839 -5.74 -2.17 -21.52
N THR A 840 -4.74 -2.86 -20.99
CA THR A 840 -3.34 -2.55 -21.26
C THR A 840 -2.56 -3.85 -21.36
N SER A 841 -1.58 -3.88 -22.26
CA SER A 841 -0.80 -5.07 -22.53
C SER A 841 0.62 -4.89 -22.00
N VAL A 842 1.15 -5.94 -21.37
CA VAL A 842 2.53 -5.98 -20.91
C VAL A 842 3.23 -7.10 -21.65
N PHE A 843 4.32 -6.77 -22.33
CA PHE A 843 5.04 -7.74 -23.15
C PHE A 843 6.12 -8.42 -22.32
N THR A 844 6.19 -9.74 -22.43
CA THR A 844 7.11 -10.57 -21.66
C THR A 844 8.10 -11.22 -22.61
N VAL A 845 9.37 -10.81 -22.52
CA VAL A 845 10.42 -11.29 -23.40
C VAL A 845 11.33 -12.23 -22.61
N THR A 846 12.20 -12.92 -23.33
CA THR A 846 13.09 -13.88 -22.70
C THR A 846 14.31 -13.18 -22.10
N PRO A 847 14.92 -13.76 -21.07
CA PRO A 847 16.15 -13.16 -20.52
C PRO A 847 17.24 -13.02 -21.56
N ALA A 848 17.38 -14.00 -22.46
CA ALA A 848 18.38 -13.91 -23.51
C ALA A 848 18.11 -12.73 -24.42
N ASP A 849 16.84 -12.53 -24.80
CA ASP A 849 16.51 -11.45 -25.72
C ASP A 849 16.62 -10.08 -25.07
N HIS A 850 16.58 -10.03 -23.73
CA HIS A 850 16.51 -8.73 -23.05
C HIS A 850 17.71 -7.86 -23.37
N ASP A 851 18.87 -8.48 -23.59
CA ASP A 851 20.06 -7.72 -23.95
C ASP A 851 20.11 -7.36 -25.42
N LYS A 852 19.23 -7.92 -26.25
CA LYS A 852 19.24 -7.70 -27.68
C LYS A 852 18.03 -6.87 -28.09
N LYS A 853 18.29 -5.75 -28.74
CA LYS A 853 17.23 -4.80 -29.14
C LYS A 853 16.49 -5.37 -30.33
N ILE A 854 15.46 -6.18 -30.04
CA ILE A 854 14.62 -6.78 -31.06
C ILE A 854 13.16 -6.53 -30.68
N VAL A 855 12.30 -6.47 -31.69
CA VAL A 855 10.90 -6.09 -31.46
C VAL A 855 10.25 -7.08 -30.52
N ALA A 856 9.64 -6.57 -29.45
CA ALA A 856 8.98 -7.39 -28.44
C ALA A 856 7.46 -7.34 -28.53
N GLY A 857 6.90 -6.26 -29.07
CA GLY A 857 5.46 -6.20 -29.22
C GLY A 857 5.04 -4.80 -29.61
N ILE A 858 3.77 -4.70 -30.01
CA ILE A 858 3.14 -3.45 -30.42
C ILE A 858 1.88 -3.26 -29.61
N ASP A 859 1.73 -2.08 -29.02
CA ASP A 859 0.55 -1.80 -28.20
C ASP A 859 -0.70 -1.76 -29.06
N ASP A 860 -1.81 -2.20 -28.47
CA ASP A 860 -3.11 -2.08 -29.11
C ASP A 860 -3.73 -0.72 -28.80
N VAL A 861 -4.50 -0.22 -29.75
CA VAL A 861 -5.13 1.09 -29.64
C VAL A 861 -6.60 0.90 -29.32
N ASN A 862 -7.06 1.58 -28.27
CA ASN A 862 -8.47 1.55 -27.86
C ASN A 862 -9.12 2.88 -28.23
N LEU A 863 -10.28 2.81 -28.89
CA LEU A 863 -11.02 4.00 -29.24
C LEU A 863 -12.51 3.75 -29.01
N THR A 864 -13.19 4.75 -28.45
CA THR A 864 -14.63 4.73 -28.28
C THR A 864 -15.19 6.01 -28.87
N VAL A 865 -16.18 5.88 -29.75
CA VAL A 865 -16.78 7.00 -30.46
C VAL A 865 -18.29 6.84 -30.45
N ASP A 866 -18.98 7.90 -30.84
CA ASP A 866 -20.42 7.88 -30.94
C ASP A 866 -20.84 7.28 -32.29
N VAL A 867 -22.15 7.23 -32.53
CA VAL A 867 -22.64 6.65 -33.77
C VAL A 867 -22.32 7.57 -34.93
N ASN A 868 -21.90 7.00 -36.05
CA ASN A 868 -21.51 7.75 -37.24
C ASN A 868 -20.35 8.70 -36.95
N GLU A 869 -19.45 8.29 -36.06
CA GLU A 869 -18.24 9.05 -35.74
C GLU A 869 -17.03 8.26 -36.22
N ALA A 870 -16.24 8.88 -37.09
CA ALA A 870 -15.09 8.18 -37.68
C ALA A 870 -13.95 8.13 -36.66
N PRO A 871 -13.48 6.94 -36.26
CA PRO A 871 -12.34 6.89 -35.35
C PRO A 871 -11.09 7.47 -36.00
N LYS A 872 -10.25 8.10 -35.18
CA LYS A 872 -9.02 8.73 -35.65
C LYS A 872 -7.85 7.81 -35.31
N LEU A 873 -7.45 7.01 -36.28
CA LEU A 873 -6.37 6.05 -36.07
C LEU A 873 -5.02 6.79 -36.08
N PRO A 874 -4.11 6.51 -35.14
CA PRO A 874 -2.86 7.28 -35.11
C PRO A 874 -2.06 7.12 -36.40
N SER A 875 -1.39 8.22 -36.78
CA SER A 875 -0.50 8.16 -37.94
C SER A 875 0.80 7.42 -37.60
N GLU A 876 1.20 7.44 -36.34
CA GLU A 876 2.37 6.73 -35.87
C GLU A 876 2.02 6.00 -34.58
N ILE A 877 2.75 4.92 -34.30
CA ILE A 877 2.45 4.01 -33.20
C ILE A 877 3.70 3.78 -32.38
N LYS A 878 3.49 3.32 -31.16
CA LYS A 878 4.59 2.93 -30.27
C LYS A 878 4.94 1.47 -30.54
N VAL A 879 6.23 1.21 -30.75
CA VAL A 879 6.75 -0.14 -30.95
C VAL A 879 7.72 -0.41 -29.82
N TYR A 880 7.45 -1.44 -29.02
CA TYR A 880 8.28 -1.81 -27.89
C TYR A 880 9.20 -2.95 -28.28
N TYR A 881 10.51 -2.72 -28.13
CA TYR A 881 11.51 -3.75 -28.33
C TYR A 881 11.81 -4.48 -27.03
N SER A 882 12.48 -5.62 -27.15
CA SER A 882 13.31 -6.06 -26.05
C SER A 882 14.36 -5.00 -25.79
N ASP A 883 14.98 -5.05 -24.62
CA ASP A 883 15.89 -4.04 -24.07
C ASP A 883 15.08 -2.85 -23.54
N GLU A 884 13.75 -2.84 -23.72
CA GLU A 884 12.88 -1.91 -23.01
C GLU A 884 13.18 -0.46 -23.37
N SER A 885 12.96 -0.11 -24.64
CA SER A 885 13.26 1.22 -25.13
C SER A 885 12.54 1.45 -26.46
N ALA A 886 12.81 2.61 -27.05
CA ALA A 886 12.41 2.93 -28.42
C ALA A 886 10.90 3.09 -28.57
N ALA A 887 10.48 3.76 -29.65
CA ALA A 887 9.07 4.12 -29.83
C ALA A 887 8.86 4.84 -31.16
N ALA A 888 7.61 5.23 -31.44
CA ALA A 888 7.27 6.19 -32.49
C ALA A 888 7.69 5.69 -33.87
N LYS A 889 7.05 4.60 -34.30
CA LYS A 889 7.20 4.08 -35.64
C LYS A 889 5.97 4.43 -36.48
N ASN A 890 6.21 4.65 -37.77
CA ASN A 890 5.15 5.01 -38.70
C ASN A 890 4.37 3.76 -39.12
N VAL A 891 3.13 3.97 -39.56
CA VAL A 891 2.21 2.89 -39.84
C VAL A 891 1.34 3.21 -41.05
N THR A 892 0.74 2.17 -41.61
CA THR A 892 -0.34 2.26 -42.58
C THR A 892 -1.50 1.43 -42.07
N TRP A 893 -2.71 1.97 -42.17
CA TRP A 893 -3.90 1.36 -41.60
C TRP A 893 -4.82 0.88 -42.70
N ASP A 894 -5.30 -0.36 -42.57
CA ASP A 894 -6.20 -0.93 -43.56
C ASP A 894 -7.52 -0.16 -43.59
N GLU A 895 -8.20 -0.23 -44.73
CA GLU A 895 -9.41 0.56 -44.94
C GLU A 895 -10.48 0.20 -43.92
N VAL A 896 -11.32 1.19 -43.60
CA VAL A 896 -12.42 1.03 -42.67
C VAL A 896 -13.71 1.27 -43.43
N ASP A 897 -14.61 0.28 -43.43
CA ASP A 897 -15.86 0.41 -44.14
C ASP A 897 -16.81 1.33 -43.36
N PRO A 898 -17.66 2.10 -44.06
CA PRO A 898 -18.64 2.90 -43.33
C PRO A 898 -19.60 2.06 -42.51
N LYS A 899 -19.93 0.86 -42.99
CA LYS A 899 -20.84 -0.01 -42.24
C LYS A 899 -20.29 -0.37 -40.88
N GLN A 900 -18.97 -0.42 -40.74
CA GLN A 900 -18.37 -0.84 -39.47
C GLN A 900 -18.72 0.14 -38.35
N TYR A 901 -18.67 1.44 -38.62
CA TYR A 901 -18.85 2.46 -37.61
C TYR A 901 -20.16 3.24 -37.73
N SER A 902 -20.85 3.15 -38.87
CA SER A 902 -22.09 3.89 -39.05
C SER A 902 -23.23 3.36 -38.19
N THR A 903 -23.06 2.21 -37.55
CA THR A 903 -24.09 1.60 -36.71
C THR A 903 -23.49 1.21 -35.37
N VAL A 904 -24.37 1.10 -34.37
CA VAL A 904 -23.93 0.73 -33.03
C VAL A 904 -23.34 -0.68 -33.04
N GLY A 905 -22.21 -0.84 -32.38
CA GLY A 905 -21.59 -2.16 -32.28
C GLY A 905 -20.12 -2.04 -31.96
N GLU A 906 -19.41 -3.15 -32.20
CA GLU A 906 -17.99 -3.26 -31.96
C GLU A 906 -17.31 -3.89 -33.17
N PHE A 907 -16.07 -3.49 -33.42
CA PHE A 907 -15.29 -4.05 -34.50
C PHE A 907 -13.82 -3.78 -34.24
N THR A 908 -12.96 -4.45 -35.01
CA THR A 908 -11.52 -4.34 -34.88
C THR A 908 -10.92 -3.87 -36.20
N VAL A 909 -9.86 -3.08 -36.10
CA VAL A 909 -9.18 -2.53 -37.27
C VAL A 909 -7.73 -3.01 -37.23
N GLU A 910 -7.21 -3.38 -38.40
CA GLU A 910 -5.84 -3.85 -38.54
C GLU A 910 -5.07 -2.89 -39.43
N GLY A 911 -3.76 -2.89 -39.26
CA GLY A 911 -2.88 -2.03 -40.03
C GLY A 911 -1.55 -2.70 -40.28
N SER A 912 -0.50 -1.90 -40.41
CA SER A 912 0.83 -2.41 -40.65
C SER A 912 1.85 -1.46 -40.04
N VAL A 913 3.07 -1.98 -39.87
CA VAL A 913 4.18 -1.22 -39.30
C VAL A 913 5.42 -1.48 -40.14
N GLU A 914 6.17 -0.41 -40.43
CA GLU A 914 7.38 -0.54 -41.22
C GLU A 914 8.56 -1.07 -40.41
N GLY A 915 8.49 -1.04 -39.08
CA GLY A 915 9.58 -1.54 -38.28
C GLY A 915 9.79 -3.03 -38.45
N THR A 916 8.71 -3.80 -38.40
CA THR A 916 8.78 -5.25 -38.55
C THR A 916 7.47 -5.72 -39.16
N SER A 917 7.37 -7.03 -39.35
CA SER A 917 6.20 -7.64 -39.97
C SER A 917 5.07 -7.90 -38.98
N LEU A 918 5.25 -7.61 -37.70
CA LEU A 918 4.18 -7.79 -36.74
C LEU A 918 3.02 -6.87 -37.09
N LYS A 919 1.80 -7.43 -37.09
CA LYS A 919 0.62 -6.69 -37.49
C LYS A 919 0.15 -5.81 -36.34
N ALA A 920 -0.07 -4.53 -36.64
CA ALA A 920 -0.70 -3.65 -35.67
C ALA A 920 -2.16 -4.07 -35.48
N LYS A 921 -2.82 -3.44 -34.53
CA LYS A 921 -4.23 -3.72 -34.27
C LYS A 921 -4.83 -2.57 -33.49
N ALA A 922 -6.13 -2.38 -33.65
CA ALA A 922 -6.84 -1.32 -32.96
C ALA A 922 -8.30 -1.70 -32.86
N PHE A 923 -8.87 -1.51 -31.67
CA PHE A 923 -10.28 -1.77 -31.42
C PHE A 923 -11.05 -0.46 -31.43
N VAL A 924 -12.31 -0.52 -31.85
CA VAL A 924 -13.17 0.64 -31.91
C VAL A 924 -14.53 0.28 -31.32
N ILE A 925 -15.08 1.21 -30.54
CA ILE A 925 -16.40 1.06 -29.94
C ILE A 925 -17.26 2.21 -30.44
N VAL A 926 -18.47 1.89 -30.91
CA VAL A 926 -19.38 2.86 -31.49
C VAL A 926 -20.71 2.71 -30.76
N LYS A 927 -20.92 3.55 -29.74
CA LYS A 927 -22.14 3.50 -28.95
C LYS A 927 -22.48 4.91 -28.47
N GLY A 928 -23.77 5.16 -28.26
CA GLY A 928 -24.23 6.47 -27.85
C GLY A 928 -25.70 6.53 -27.49
N ILE A 929 -26.35 7.66 -27.78
CA ILE A 929 -27.74 7.91 -27.41
C ILE A 929 -28.61 7.76 -28.64
N VAL A 930 -29.72 7.01 -28.50
CA VAL A 930 -30.63 6.75 -29.60
C VAL A 930 -32.07 7.09 -29.22
N ALA A 931 -32.54 6.58 -28.09
CA ALA A 931 -33.98 6.52 -27.81
C ALA A 931 -34.22 6.84 -26.33
N VAL A 932 -35.41 6.50 -25.85
CA VAL A 932 -35.81 6.80 -24.47
C VAL A 932 -34.97 6.01 -23.47
N LYS A 933 -34.82 6.56 -22.27
CA LYS A 933 -34.12 5.91 -21.17
C LYS A 933 -35.01 5.91 -19.94
N PRO A 934 -35.26 4.74 -19.30
CA PRO A 934 -36.16 4.72 -18.13
C PRO A 934 -35.45 4.91 -16.80
N TYR A 935 -36.23 4.92 -15.71
CA TYR A 935 -35.68 4.99 -14.36
C TYR A 935 -36.79 4.63 -13.40
N SER A 936 -36.42 4.41 -12.13
CA SER A 936 -37.37 4.15 -11.07
C SER A 936 -36.78 4.57 -9.74
N THR A 937 -37.64 4.73 -8.73
CA THR A 937 -37.21 5.18 -7.41
C THR A 937 -38.37 5.11 -6.43
N ALA A 938 -38.05 5.34 -5.16
CA ALA A 938 -39.02 5.49 -4.08
C ALA A 938 -38.75 6.80 -3.36
N THR A 939 -39.79 7.35 -2.73
CA THR A 939 -39.74 8.72 -2.24
C THR A 939 -40.54 8.86 -0.94
N LYS A 940 -40.26 9.96 -0.24
CA LYS A 940 -41.03 10.33 0.95
C LYS A 940 -42.41 10.86 0.55
N VAL A 941 -43.26 11.02 1.57
CA VAL A 941 -44.59 11.59 1.34
C VAL A 941 -44.47 13.10 1.24
N GLY A 942 -45.10 13.67 0.22
CA GLY A 942 -45.11 15.12 0.03
C GLY A 942 -43.85 15.70 -0.59
N VAL A 943 -42.69 15.43 0.02
CA VAL A 943 -41.44 15.94 -0.52
C VAL A 943 -41.19 15.32 -1.88
N GLN A 944 -40.71 16.12 -2.82
CA GLN A 944 -40.50 15.65 -4.17
C GLN A 944 -39.42 14.56 -4.18
N PRO A 945 -39.50 13.59 -5.10
CA PRO A 945 -38.47 12.53 -5.12
C PRO A 945 -37.10 13.11 -5.41
N VAL A 946 -36.08 12.50 -4.79
CA VAL A 946 -34.70 12.89 -5.06
C VAL A 946 -34.29 12.27 -6.38
N LEU A 947 -34.40 13.04 -7.47
CA LEU A 947 -34.10 12.55 -8.80
C LEU A 947 -32.81 13.20 -9.31
N PRO A 948 -32.07 12.53 -10.19
CA PRO A 948 -30.84 13.12 -10.74
C PRO A 948 -31.16 14.06 -11.90
N GLU A 949 -30.74 15.32 -11.77
CA GLU A 949 -30.91 16.30 -12.84
C GLU A 949 -29.92 16.11 -13.97
N LYS A 950 -28.99 15.16 -13.85
CA LYS A 950 -28.05 14.80 -14.90
C LYS A 950 -28.09 13.29 -15.14
N ALA A 951 -29.30 12.77 -15.29
CA ALA A 951 -29.50 11.32 -15.33
C ALA A 951 -28.68 10.68 -16.45
N THR A 952 -28.06 9.56 -16.11
CA THR A 952 -27.22 8.83 -17.06
C THR A 952 -28.09 8.12 -18.09
N LEU A 953 -27.72 8.27 -19.36
CA LEU A 953 -28.45 7.63 -20.46
C LEU A 953 -27.70 6.36 -20.87
N LEU A 954 -28.32 5.21 -20.62
CA LEU A 954 -27.79 3.91 -21.01
C LEU A 954 -28.84 3.18 -21.82
N TYR A 955 -28.38 2.31 -22.72
CA TYR A 955 -29.28 1.60 -23.63
C TYR A 955 -28.78 0.17 -23.80
N SER A 956 -29.66 -0.68 -24.33
CA SER A 956 -29.31 -2.07 -24.57
C SER A 956 -28.10 -2.15 -25.49
N ASP A 957 -27.05 -2.80 -25.02
CA ASP A 957 -25.78 -2.88 -25.74
C ASP A 957 -25.17 -1.51 -25.98
N GLY A 958 -25.54 -0.52 -25.17
CA GLY A 958 -25.07 0.85 -25.29
C GLY A 958 -24.02 1.19 -24.26
N THR A 959 -23.98 2.47 -23.89
CA THR A 959 -23.00 2.97 -22.93
C THR A 959 -23.66 4.03 -22.05
N THR A 960 -23.04 4.27 -20.90
CA THR A 960 -23.52 5.24 -19.93
C THR A 960 -23.07 6.64 -20.33
N LYS A 961 -24.03 7.48 -20.74
CA LYS A 961 -23.76 8.84 -21.17
C LYS A 961 -24.64 9.79 -20.37
N GLY A 962 -24.01 10.74 -19.69
CA GLY A 962 -24.70 11.64 -18.77
C GLY A 962 -24.97 12.98 -19.42
N ALA A 963 -26.23 13.41 -19.34
CA ALA A 963 -26.64 14.72 -19.83
C ALA A 963 -27.71 15.27 -18.90
N THR A 964 -27.81 16.59 -18.86
CA THR A 964 -28.77 17.24 -17.98
C THR A 964 -30.19 16.84 -18.36
N VAL A 965 -30.98 16.49 -17.34
CA VAL A 965 -32.36 16.05 -17.52
C VAL A 965 -33.24 16.91 -16.63
N THR A 966 -34.24 17.56 -17.22
CA THR A 966 -35.21 18.36 -16.50
C THR A 966 -36.41 17.48 -16.17
N TRP A 967 -36.44 16.95 -14.95
CA TRP A 967 -37.61 16.21 -14.50
C TRP A 967 -38.78 17.18 -14.34
N ASP A 968 -39.91 16.86 -14.98
CA ASP A 968 -41.07 17.73 -14.91
C ASP A 968 -41.47 17.96 -13.47
N GLU A 969 -41.73 19.23 -13.12
CA GLU A 969 -42.03 19.61 -11.74
C GLU A 969 -43.10 18.70 -11.15
N ILE A 970 -42.76 17.97 -10.10
CA ILE A 970 -43.61 16.92 -9.56
C ILE A 970 -44.48 17.55 -8.47
N PRO A 971 -45.81 17.57 -8.64
CA PRO A 971 -46.68 18.04 -7.56
C PRO A 971 -47.04 16.89 -6.62
N GLU A 972 -47.88 17.21 -5.62
CA GLU A 972 -48.32 16.20 -4.67
C GLU A 972 -49.29 15.21 -5.31
N ASP A 973 -50.13 15.69 -6.23
CA ASP A 973 -51.28 14.92 -6.68
C ASP A 973 -50.89 13.64 -7.42
N LYS A 974 -49.63 13.50 -7.85
CA LYS A 974 -49.23 12.34 -8.62
C LYS A 974 -49.33 11.05 -7.81
N LEU A 975 -49.20 11.14 -6.49
CA LEU A 975 -49.29 9.96 -5.63
C LEU A 975 -50.73 9.47 -5.46
N ALA A 976 -51.72 10.23 -5.95
CA ALA A 976 -53.12 9.90 -5.71
C ALA A 976 -53.57 8.62 -6.41
N LYS A 977 -52.77 8.07 -7.33
CA LYS A 977 -53.15 6.89 -8.09
C LYS A 977 -52.17 5.76 -7.82
N GLU A 978 -52.69 4.54 -7.78
CA GLU A 978 -51.98 3.38 -7.25
C GLU A 978 -50.83 2.97 -8.15
N GLY A 979 -49.99 2.08 -7.62
CA GLY A 979 -48.88 1.51 -8.35
C GLY A 979 -47.65 2.38 -8.33
N ARG A 980 -47.17 2.76 -9.51
CA ARG A 980 -46.04 3.65 -9.66
C ARG A 980 -46.37 4.69 -10.72
N PHE A 981 -46.29 5.95 -10.34
CA PHE A 981 -46.63 7.05 -11.24
C PHE A 981 -45.41 7.48 -12.04
N THR A 982 -45.66 7.88 -13.28
CA THR A 982 -44.61 8.22 -14.23
C THR A 982 -44.39 9.73 -14.25
N VAL A 983 -43.15 10.12 -14.52
CA VAL A 983 -42.80 11.52 -14.73
C VAL A 983 -41.86 11.59 -15.92
N GLU A 984 -42.06 12.57 -16.79
CA GLU A 984 -41.24 12.74 -17.98
C GLU A 984 -40.06 13.66 -17.67
N GLY A 985 -38.88 13.24 -18.11
CA GLY A 985 -37.67 14.04 -17.95
C GLY A 985 -37.15 14.57 -19.27
N SER A 986 -37.23 15.88 -19.48
CA SER A 986 -36.74 16.50 -20.69
C SER A 986 -35.23 16.66 -20.60
N VAL A 987 -34.52 16.19 -21.62
CA VAL A 987 -33.06 16.17 -21.64
C VAL A 987 -32.57 17.35 -22.48
N GLU A 988 -31.49 17.98 -22.01
CA GLU A 988 -30.89 19.13 -22.68
C GLU A 988 -29.72 18.66 -23.53
N GLY A 989 -29.90 18.68 -24.85
CA GLY A 989 -28.85 18.31 -25.77
C GLY A 989 -28.92 16.90 -26.32
N THR A 990 -30.08 16.24 -26.25
CA THR A 990 -30.26 14.92 -26.81
C THR A 990 -31.59 14.86 -27.57
N ASP A 991 -31.83 13.72 -28.21
CA ASP A 991 -33.01 13.56 -29.06
C ASP A 991 -34.23 13.18 -28.24
N LEU A 992 -34.19 12.03 -27.57
CA LEU A 992 -35.34 11.48 -26.87
C LEU A 992 -35.27 11.79 -25.38
N LYS A 993 -36.43 11.76 -24.74
CA LYS A 993 -36.60 12.16 -23.35
C LYS A 993 -36.62 10.94 -22.42
N ALA A 994 -36.22 11.17 -21.18
CA ALA A 994 -36.15 10.12 -20.18
C ALA A 994 -37.45 10.05 -19.38
N ASN A 995 -37.51 9.05 -18.50
CA ASN A 995 -38.70 8.81 -17.70
C ASN A 995 -38.29 8.18 -16.38
N VAL A 996 -39.20 8.26 -15.40
CA VAL A 996 -38.98 7.66 -14.09
C VAL A 996 -40.33 7.18 -13.56
N TYR A 997 -40.33 6.01 -12.94
CA TYR A 997 -41.50 5.44 -12.30
C TYR A 997 -41.27 5.43 -10.80
N VAL A 998 -42.06 6.22 -10.07
CA VAL A 998 -41.88 6.43 -8.64
C VAL A 998 -42.97 5.66 -7.92
N ARG A 999 -42.57 4.87 -6.91
CA ARG A 999 -43.55 4.09 -6.16
C ARG A 999 -44.49 5.01 -5.40
N VAL A 1000 -45.71 4.54 -5.19
CA VAL A 1000 -46.79 5.37 -4.66
C VAL A 1000 -46.99 5.08 -3.17
N THR A 1001 -47.33 6.12 -2.42
CA THR A 1001 -47.69 6.01 -1.01
C THR A 1001 -49.08 6.59 -0.74
N ASN A 1002 -49.79 7.02 -1.79
CA ASN A 1002 -51.16 7.50 -1.71
C ASN A 1002 -51.24 8.84 -0.98
N GLU A 1003 -51.81 8.86 0.23
CA GLU A 1003 -52.23 10.11 0.83
C GLU A 1003 -51.03 10.99 1.18
N VAL A 1004 -51.22 12.30 1.06
CA VAL A 1004 -50.15 13.28 1.24
C VAL A 1004 -50.71 14.46 2.02
N LYS A 1005 -49.89 15.00 2.93
CA LYS A 1005 -50.31 16.11 3.77
C LYS A 1005 -49.08 16.68 4.46
N SER A 1006 -49.21 17.93 4.93
CA SER A 1006 -48.18 18.59 5.71
C SER A 1006 -48.84 19.29 6.89
N VAL A 1007 -48.06 19.48 7.96
CA VAL A 1007 -48.58 20.02 9.21
C VAL A 1007 -47.49 20.86 9.88
N ASN A 1008 -47.93 21.80 10.71
CA ASN A 1008 -47.06 22.58 11.57
C ASN A 1008 -47.71 22.71 12.94
N ILE A 1009 -46.88 22.79 13.97
CA ILE A 1009 -47.34 22.89 15.35
C ILE A 1009 -48.24 21.71 15.68
N MET A 1010 -47.69 20.50 15.54
CA MET A 1010 -48.40 19.25 15.82
C MET A 1010 -48.23 18.77 17.25
N LEU A 1011 -47.94 19.68 18.18
CA LEU A 1011 -47.44 19.30 19.49
C LEU A 1011 -48.43 18.51 20.33
N GLN A 1012 -49.72 18.48 19.96
CA GLN A 1012 -50.71 17.84 20.81
C GLN A 1012 -51.91 17.42 19.98
N GLU A 1013 -52.71 16.51 20.54
CA GLU A 1013 -53.96 16.07 19.97
C GLU A 1013 -54.95 15.78 21.10
N GLN A 1014 -56.23 16.07 20.85
CA GLN A 1014 -57.26 15.76 21.83
C GLN A 1014 -57.36 14.26 22.07
N GLY A 1015 -57.32 13.47 21.01
CA GLY A 1015 -57.30 12.02 21.12
C GLY A 1015 -56.86 11.44 19.79
N SER A 1016 -55.88 10.54 19.80
CA SER A 1016 -55.18 10.13 18.60
C SER A 1016 -55.12 8.61 18.49
N ALA A 1017 -55.23 8.12 17.26
CA ALA A 1017 -55.08 6.69 16.98
C ALA A 1017 -53.71 6.36 16.39
N TYR A 1018 -52.94 7.37 15.99
CA TYR A 1018 -51.64 7.15 15.37
C TYR A 1018 -50.59 6.77 16.41
N PRO A 1019 -50.39 7.56 17.48
CA PRO A 1019 -49.21 7.33 18.34
C PRO A 1019 -49.36 6.13 19.27
N LYS A 1020 -49.16 4.93 18.71
CA LYS A 1020 -49.01 3.74 19.55
C LYS A 1020 -47.61 3.70 20.14
N LEU A 1021 -47.48 3.04 21.29
CA LEU A 1021 -46.20 2.92 21.98
C LEU A 1021 -46.09 1.54 22.60
N GLU A 1022 -44.98 0.86 22.30
CA GLU A 1022 -44.62 -0.40 22.94
C GLU A 1022 -43.16 -0.33 23.32
N ALA A 1023 -42.83 -0.82 24.52
CA ALA A 1023 -41.50 -0.63 25.08
C ALA A 1023 -40.93 -1.97 25.53
N THR A 1024 -39.60 -2.00 25.63
CA THR A 1024 -38.92 -3.20 26.13
C THR A 1024 -39.36 -3.52 27.56
N PHE A 1025 -39.42 -2.51 28.41
CA PHE A 1025 -39.88 -2.70 29.78
C PHE A 1025 -40.50 -1.41 30.27
N THR A 1026 -41.64 -1.53 30.93
CA THR A 1026 -42.31 -0.43 31.60
C THR A 1026 -42.53 -0.82 33.05
N ASN A 1027 -42.17 0.06 33.97
CA ASN A 1027 -42.45 -0.18 35.37
C ASN A 1027 -43.97 -0.26 35.53
N PRO A 1028 -44.54 -1.34 36.11
CA PRO A 1028 -45.99 -1.50 36.11
C PRO A 1028 -46.73 -0.36 36.80
N ALA A 1029 -46.02 0.38 37.67
CA ALA A 1029 -46.61 1.53 38.34
C ALA A 1029 -46.51 2.81 37.51
N ASP A 1030 -45.91 2.76 36.32
CA ASP A 1030 -45.70 3.92 35.48
C ASP A 1030 -46.21 3.65 34.08
N ASN A 1031 -46.87 4.64 33.48
CA ASN A 1031 -47.52 4.47 32.19
C ASN A 1031 -46.54 4.68 31.05
N LEU A 1032 -46.78 3.99 29.94
CA LEU A 1032 -45.88 4.07 28.79
C LEU A 1032 -46.30 5.17 27.82
N GLN A 1033 -47.59 5.51 27.78
CA GLN A 1033 -48.09 6.56 26.88
C GLN A 1033 -47.90 7.97 27.44
N HIS A 1034 -47.12 8.15 28.50
CA HIS A 1034 -46.87 9.48 29.04
C HIS A 1034 -45.89 10.29 28.21
N LEU A 1035 -45.22 9.67 27.23
CA LEU A 1035 -44.16 10.35 26.50
C LEU A 1035 -44.69 11.40 25.52
N ASN A 1036 -45.99 11.41 25.22
CA ASN A 1036 -46.54 12.42 24.33
C ASN A 1036 -47.85 12.95 24.93
N ASP A 1037 -47.82 13.28 26.22
CA ASP A 1037 -48.99 13.88 26.85
C ASP A 1037 -49.14 15.36 26.48
N GLY A 1038 -48.08 15.99 25.99
CA GLY A 1038 -48.12 17.36 25.53
C GLY A 1038 -47.56 18.38 26.49
N ILE A 1039 -47.39 18.04 27.76
CA ILE A 1039 -46.86 18.96 28.77
C ILE A 1039 -45.84 18.20 29.60
N LYS A 1040 -44.68 18.80 29.81
CA LYS A 1040 -43.61 18.15 30.57
C LYS A 1040 -43.83 18.36 32.07
N SER A 1041 -43.51 17.32 32.85
CA SER A 1041 -43.71 17.33 34.29
C SER A 1041 -42.38 17.62 34.98
N TYR A 1042 -42.08 18.91 35.14
CA TYR A 1042 -40.90 19.37 35.84
C TYR A 1042 -41.16 19.69 37.31
N THR A 1043 -42.41 19.64 37.76
CA THR A 1043 -42.79 20.05 39.11
C THR A 1043 -43.83 19.05 39.62
N ASN A 1044 -44.55 19.45 40.68
CA ASN A 1044 -45.57 18.61 41.29
C ASN A 1044 -46.79 18.41 40.40
N ASN A 1045 -46.82 19.00 39.20
CA ASN A 1045 -47.87 18.74 38.22
C ASN A 1045 -47.97 17.24 37.96
N PRO A 1046 -49.05 16.75 37.33
CA PRO A 1046 -49.18 15.31 37.08
C PRO A 1046 -47.94 14.69 36.46
N VAL A 1047 -47.43 13.64 37.08
CA VAL A 1047 -46.09 13.13 36.77
C VAL A 1047 -46.14 12.25 35.55
N ASN A 1048 -46.00 12.84 34.37
CA ASN A 1048 -45.85 12.09 33.13
C ASN A 1048 -44.38 11.66 33.05
N ARG A 1049 -44.13 10.39 33.34
CA ARG A 1049 -42.75 9.91 33.44
C ARG A 1049 -42.74 8.39 33.29
N TRP A 1050 -41.99 7.91 32.31
CA TRP A 1050 -41.72 6.48 32.17
C TRP A 1050 -40.54 6.12 33.07
N THR A 1051 -40.51 4.88 33.55
CA THR A 1051 -39.47 4.46 34.47
C THR A 1051 -39.30 2.95 34.39
N ASN A 1052 -38.06 2.48 34.61
CA ASN A 1052 -37.73 1.06 34.56
C ASN A 1052 -37.08 0.58 35.85
N TRP A 1053 -37.30 1.27 36.96
CA TRP A 1053 -36.68 0.90 38.24
C TRP A 1053 -37.13 -0.49 38.65
N THR A 1054 -36.15 -1.31 39.06
CA THR A 1054 -36.42 -2.66 39.53
C THR A 1054 -35.34 -3.05 40.54
N ARG A 1055 -35.65 -4.06 41.34
CA ARG A 1055 -34.68 -4.53 42.33
C ARG A 1055 -33.44 -5.12 41.65
N THR A 1056 -33.63 -5.86 40.55
CA THR A 1056 -32.50 -6.37 39.79
C THR A 1056 -31.88 -5.26 38.95
N PRO A 1057 -30.57 -5.30 38.69
CA PRO A 1057 -29.97 -4.26 37.86
C PRO A 1057 -30.49 -4.29 36.42
N ARG A 1058 -30.43 -3.13 35.78
CA ARG A 1058 -30.84 -2.95 34.39
C ARG A 1058 -29.76 -2.20 33.62
N ASP A 1059 -28.51 -2.68 33.73
CA ASP A 1059 -27.38 -2.02 33.08
C ASP A 1059 -27.51 -2.03 31.55
N ALA A 1060 -28.35 -2.91 30.99
CA ALA A 1060 -28.50 -2.98 29.55
C ALA A 1060 -29.27 -1.79 28.97
N GLY A 1061 -29.99 -1.05 29.80
CA GLY A 1061 -30.77 0.07 29.31
C GLY A 1061 -32.14 -0.35 28.82
N ASP A 1062 -32.87 0.64 28.29
CA ASP A 1062 -34.22 0.42 27.81
C ASP A 1062 -34.47 1.26 26.56
N SER A 1063 -35.47 0.85 25.78
CA SER A 1063 -35.84 1.52 24.55
C SER A 1063 -37.36 1.59 24.45
N ILE A 1064 -37.83 2.51 23.61
CA ILE A 1064 -39.26 2.71 23.36
C ILE A 1064 -39.49 2.61 21.86
N THR A 1065 -40.50 1.84 21.47
CA THR A 1065 -40.89 1.71 20.07
C THR A 1065 -42.20 2.47 19.86
N VAL A 1066 -42.19 3.40 18.92
CA VAL A 1066 -43.33 4.28 18.67
C VAL A 1066 -43.85 4.02 17.26
N ASN A 1067 -45.17 3.89 17.14
CA ASN A 1067 -45.84 3.57 15.89
C ASN A 1067 -46.76 4.72 15.50
N PHE A 1068 -46.87 4.96 14.19
CA PHE A 1068 -47.74 6.00 13.66
C PHE A 1068 -48.41 5.49 12.39
N GLY A 1069 -49.62 6.02 12.15
CA GLY A 1069 -50.31 5.83 10.89
C GLY A 1069 -50.61 7.18 10.26
N LYS A 1070 -49.68 8.11 10.43
CA LYS A 1070 -49.83 9.50 9.99
C LYS A 1070 -48.82 9.74 8.88
N LYS A 1071 -49.30 10.07 7.68
CA LYS A 1071 -48.46 10.24 6.51
C LYS A 1071 -47.91 11.68 6.48
N HIS A 1072 -46.87 11.90 7.28
CA HIS A 1072 -46.29 13.22 7.46
C HIS A 1072 -44.77 13.10 7.50
N VAL A 1073 -44.11 14.26 7.57
CA VAL A 1073 -42.66 14.35 7.58
C VAL A 1073 -42.20 14.49 9.03
N ILE A 1074 -40.96 14.06 9.29
CA ILE A 1074 -40.34 14.17 10.60
C ILE A 1074 -39.08 15.01 10.45
N ASN A 1075 -38.91 15.99 11.34
CA ASN A 1075 -37.80 16.94 11.24
C ASN A 1075 -37.02 17.15 12.53
N ASN A 1076 -37.49 16.66 13.67
CA ASN A 1076 -36.80 16.88 14.94
C ASN A 1076 -37.15 15.76 15.90
N LEU A 1077 -36.36 15.65 16.97
CA LEU A 1077 -36.57 14.66 18.03
C LEU A 1077 -36.15 15.29 19.35
N ASP A 1078 -37.12 15.80 20.10
CA ASP A 1078 -36.87 16.47 21.37
C ASP A 1078 -37.06 15.48 22.51
N LEU A 1079 -35.99 15.27 23.29
CA LEU A 1079 -36.01 14.35 24.41
C LEU A 1079 -35.89 15.15 25.70
N PHE A 1080 -36.89 15.01 26.58
CA PHE A 1080 -36.92 15.69 27.87
C PHE A 1080 -36.73 14.63 28.96
N VAL A 1081 -35.72 14.82 29.80
CA VAL A 1081 -35.23 13.79 30.70
C VAL A 1081 -35.67 14.09 32.12
N PHE A 1082 -35.91 13.01 32.88
CA PHE A 1082 -36.25 13.11 34.30
C PHE A 1082 -35.34 12.18 35.09
N THR A 1083 -34.88 12.64 36.25
CA THR A 1083 -34.01 11.88 37.12
C THR A 1083 -34.49 11.98 38.55
N ASP A 1084 -34.17 10.95 39.34
CA ASP A 1084 -34.47 10.95 40.77
C ASP A 1084 -33.41 10.10 41.47
N SER A 1085 -33.69 9.71 42.71
CA SER A 1085 -32.73 8.90 43.47
C SER A 1085 -32.53 7.52 42.87
N GLY A 1086 -33.39 7.09 41.97
CA GLY A 1086 -33.28 5.78 41.34
C GLY A 1086 -32.90 5.85 39.88
N THR A 1087 -33.18 6.98 39.22
CA THR A 1087 -33.01 7.13 37.79
C THR A 1087 -31.98 8.21 37.47
N VAL A 1088 -31.39 8.12 36.28
CA VAL A 1088 -30.40 9.09 35.80
C VAL A 1088 -30.68 9.37 34.33
N VAL A 1089 -29.89 10.28 33.76
CA VAL A 1089 -30.10 10.75 32.39
C VAL A 1089 -29.62 9.71 31.37
N PRO A 1090 -30.09 9.76 30.13
CA PRO A 1090 -29.54 8.88 29.10
C PRO A 1090 -28.05 9.13 28.89
N GLU A 1091 -27.30 8.03 28.74
CA GLU A 1091 -25.88 8.13 28.41
C GLU A 1091 -25.68 8.49 26.95
N LYS A 1092 -26.45 7.88 26.05
CA LYS A 1092 -26.30 8.10 24.62
C LYS A 1092 -27.60 7.70 23.93
N ALA A 1093 -27.73 8.12 22.67
CA ALA A 1093 -28.93 7.89 21.88
C ALA A 1093 -28.60 7.05 20.66
N GLU A 1094 -29.37 5.98 20.47
CA GLU A 1094 -29.27 5.11 19.29
C GLU A 1094 -30.68 4.73 18.86
N VAL A 1095 -30.97 4.90 17.58
CA VAL A 1095 -32.33 4.76 17.06
C VAL A 1095 -32.35 3.85 15.84
N GLN A 1096 -33.38 3.02 15.75
CA GLN A 1096 -33.58 2.13 14.62
C GLN A 1096 -35.06 2.15 14.23
N TYR A 1097 -35.31 1.79 12.97
CA TYR A 1097 -36.66 1.78 12.41
C TYR A 1097 -36.79 0.63 11.44
N TRP A 1098 -38.02 0.10 11.31
CA TRP A 1098 -38.31 -0.95 10.34
C TRP A 1098 -39.60 -0.63 9.60
N ASP A 1099 -39.57 -0.81 8.28
CA ASP A 1099 -40.74 -0.72 7.43
C ASP A 1099 -41.01 -2.12 6.88
N GLY A 1100 -42.12 -2.71 7.31
CA GLY A 1100 -42.47 -4.06 6.89
C GLY A 1100 -41.95 -5.16 7.79
N THR A 1101 -40.66 -5.49 7.69
CA THR A 1101 -40.12 -6.64 8.41
C THR A 1101 -38.86 -6.36 9.22
N ALA A 1102 -37.94 -5.53 8.71
CA ALA A 1102 -36.57 -5.52 9.21
C ALA A 1102 -36.12 -4.11 9.57
N TRP A 1103 -35.23 -4.04 10.54
CA TRP A 1103 -34.78 -2.78 11.12
C TRP A 1103 -33.74 -2.09 10.26
N LYS A 1104 -33.64 -0.78 10.45
CA LYS A 1104 -32.63 0.05 9.80
C LYS A 1104 -32.34 1.23 10.71
N ASP A 1105 -31.14 1.77 10.60
CA ASP A 1105 -30.67 2.80 11.52
C ASP A 1105 -30.96 4.19 10.98
N VAL A 1106 -31.03 5.16 11.90
CA VAL A 1106 -31.39 6.54 11.58
C VAL A 1106 -30.14 7.40 11.56
N GLU A 1107 -30.17 8.45 10.75
CA GLU A 1107 -29.09 9.43 10.62
C GLU A 1107 -29.59 10.80 11.06
N ASN A 1108 -28.74 11.81 10.85
CA ASN A 1108 -29.07 13.20 11.16
C ASN A 1108 -29.38 13.37 12.65
N LEU A 1109 -28.35 13.14 13.47
CA LEU A 1109 -28.53 13.21 14.92
C LEU A 1109 -28.47 14.66 15.43
N THR A 1110 -27.33 15.31 15.27
CA THR A 1110 -27.13 16.70 15.73
C THR A 1110 -27.37 16.80 17.24
N GLN A 1111 -26.79 15.86 18.00
CA GLN A 1111 -27.05 15.78 19.43
C GLN A 1111 -26.08 16.66 20.21
N PRO A 1112 -26.56 17.60 21.06
CA PRO A 1112 -25.63 18.33 21.93
C PRO A 1112 -25.02 17.45 23.01
N SER A 1113 -24.27 18.07 23.92
CA SER A 1113 -23.54 17.31 24.95
C SER A 1113 -24.52 16.56 25.84
N PRO A 1114 -24.33 15.24 26.06
CA PRO A 1114 -25.18 14.53 27.05
C PRO A 1114 -24.61 14.61 28.46
N TYR A 1115 -25.36 15.20 29.38
CA TYR A 1115 -24.93 15.34 30.77
C TYR A 1115 -26.19 15.35 31.65
N VAL A 1116 -25.99 15.57 32.95
CA VAL A 1116 -27.11 15.71 33.88
C VAL A 1116 -27.52 17.18 33.82
N VAL A 1117 -28.34 17.50 32.83
CA VAL A 1117 -28.72 18.86 32.50
C VAL A 1117 -30.22 18.90 32.22
N GLU A 1118 -30.73 20.10 31.96
CA GLU A 1118 -32.18 20.28 31.83
C GLU A 1118 -32.68 19.78 30.48
N LYS A 1119 -31.92 19.97 29.40
CA LYS A 1119 -32.43 19.79 28.06
C LYS A 1119 -31.42 19.07 27.17
N ASN A 1120 -31.94 18.49 26.10
CA ASN A 1120 -31.13 17.89 25.03
C ASN A 1120 -31.95 17.97 23.75
N GLU A 1121 -31.28 17.81 22.61
CA GLU A 1121 -31.91 18.10 21.33
C GLU A 1121 -31.39 17.15 20.25
N LEU A 1122 -32.20 16.98 19.20
CA LEU A 1122 -31.82 16.24 18.01
C LEU A 1122 -32.59 16.80 16.82
N THR A 1123 -32.16 16.44 15.62
CA THR A 1123 -32.73 16.95 14.37
C THR A 1123 -32.93 15.81 13.36
N PHE A 1124 -33.59 14.74 13.80
CA PHE A 1124 -33.82 13.59 12.92
C PHE A 1124 -34.60 13.99 11.67
N ASP A 1125 -34.20 13.42 10.54
CA ASP A 1125 -34.86 13.66 9.27
C ASP A 1125 -36.02 12.68 9.08
N ALA A 1126 -36.73 12.83 7.97
CA ALA A 1126 -37.86 11.95 7.66
C ALA A 1126 -37.39 10.50 7.57
N VAL A 1127 -38.20 9.60 8.13
CA VAL A 1127 -37.86 8.18 8.21
C VAL A 1127 -39.14 7.37 8.21
N ALA A 1128 -39.11 6.22 7.54
CA ALA A 1128 -40.23 5.29 7.62
C ALA A 1128 -40.36 4.76 9.04
N THR A 1129 -41.53 4.93 9.63
CA THR A 1129 -41.75 4.76 11.06
C THR A 1129 -42.99 3.92 11.33
N GLU A 1130 -43.07 2.75 10.70
CA GLU A 1130 -44.03 1.75 11.16
C GLU A 1130 -43.83 1.49 12.65
N LYS A 1131 -42.58 1.34 13.07
CA LYS A 1131 -42.19 1.40 14.48
C LYS A 1131 -40.76 1.90 14.56
N LEU A 1132 -40.56 3.01 15.27
CA LEU A 1132 -39.24 3.60 15.46
C LEU A 1132 -38.80 3.33 16.89
N LYS A 1133 -37.67 2.66 17.05
CA LYS A 1133 -37.14 2.26 18.34
C LYS A 1133 -35.89 3.08 18.63
N PHE A 1134 -35.88 3.77 19.76
CA PHE A 1134 -34.70 4.49 20.24
C PHE A 1134 -34.29 3.92 21.58
N HIS A 1135 -33.04 3.47 21.67
CA HIS A 1135 -32.50 2.84 22.87
C HIS A 1135 -31.59 3.82 23.60
N LEU A 1136 -31.60 3.74 24.93
CA LEU A 1136 -30.77 4.60 25.77
C LEU A 1136 -30.14 3.77 26.87
N THR A 1137 -28.87 4.05 27.17
CA THR A 1137 -28.18 3.40 28.27
C THR A 1137 -28.07 4.36 29.45
N PRO A 1138 -28.27 3.94 30.70
CA PRO A 1138 -28.17 4.88 31.81
C PRO A 1138 -26.77 5.49 31.90
N SER A 1139 -26.74 6.77 32.26
CA SER A 1139 -25.46 7.48 32.34
C SER A 1139 -24.58 6.94 33.45
N VAL A 1140 -25.18 6.49 34.55
CA VAL A 1140 -24.45 6.03 35.73
C VAL A 1140 -24.69 4.54 35.91
N LYS A 1141 -23.62 3.78 36.06
CA LYS A 1141 -23.75 2.35 36.30
C LYS A 1141 -24.38 2.13 37.68
N GLY A 1142 -25.45 1.33 37.71
CA GLY A 1142 -26.23 1.16 38.91
C GLY A 1142 -27.40 2.12 39.05
N LYS A 1143 -27.72 2.89 38.01
CA LYS A 1143 -28.81 3.84 38.03
C LYS A 1143 -29.72 3.61 36.82
N PHE A 1144 -31.00 3.90 36.99
CA PHE A 1144 -32.02 3.60 36.00
C PHE A 1144 -32.30 4.82 35.13
N LEU A 1145 -33.32 4.71 34.27
CA LEU A 1145 -33.66 5.73 33.30
C LEU A 1145 -35.11 6.16 33.44
N ALA A 1146 -35.39 7.40 33.09
CA ALA A 1146 -36.75 7.92 33.10
C ALA A 1146 -36.86 9.06 32.09
N LEU A 1147 -38.02 9.17 31.45
CA LEU A 1147 -38.28 10.17 30.43
C LEU A 1147 -39.68 10.73 30.62
N THR A 1148 -39.81 12.05 30.52
CA THR A 1148 -41.12 12.68 30.61
C THR A 1148 -41.80 12.81 29.24
N GLU A 1149 -41.02 13.08 28.19
CA GLU A 1149 -41.58 13.20 26.85
C GLU A 1149 -40.53 12.80 25.83
N ALA A 1150 -41.02 12.45 24.64
CA ALA A 1150 -40.16 12.15 23.49
C ALA A 1150 -40.97 12.49 22.24
N GLU A 1151 -40.58 13.57 21.56
CA GLU A 1151 -41.38 14.13 20.47
C GLU A 1151 -40.99 13.46 19.16
N VAL A 1152 -41.79 12.47 18.75
CA VAL A 1152 -41.72 11.89 17.41
C VAL A 1152 -43.11 12.00 16.81
N TYR A 1153 -43.19 12.47 15.56
CA TYR A 1153 -44.43 12.99 15.02
C TYR A 1153 -45.09 12.10 13.96
N ALA A 1154 -44.37 11.62 12.97
CA ALA A 1154 -44.98 11.13 11.74
C ALA A 1154 -44.42 9.76 11.37
N ASP A 1155 -44.83 9.29 10.19
CA ASP A 1155 -44.46 7.98 9.67
C ASP A 1155 -44.72 7.97 8.17
N GLN A 1156 -43.93 7.17 7.44
CA GLN A 1156 -44.14 6.94 6.02
C GLN A 1156 -43.99 5.45 5.73
N ILE A 1157 -44.80 4.94 4.81
CA ILE A 1157 -44.62 3.60 4.28
C ILE A 1157 -43.97 3.71 2.90
N VAL A 1158 -42.91 2.94 2.70
CA VAL A 1158 -42.09 3.05 1.49
C VAL A 1158 -42.06 1.74 0.71
N MET A 1159 -41.52 0.67 1.32
CA MET A 1159 -41.47 -0.62 0.63
C MET A 1159 -41.73 -1.80 1.55
N GLY A 1160 -42.23 -1.58 2.77
CA GLY A 1160 -42.38 -2.69 3.70
C GLY A 1160 -43.38 -3.75 3.23
N GLU A 1161 -44.43 -3.31 2.54
CA GLU A 1161 -45.52 -4.20 2.16
C GLU A 1161 -45.25 -4.97 0.88
N THR A 1162 -44.11 -4.75 0.21
CA THR A 1162 -43.83 -5.39 -1.06
C THR A 1162 -43.35 -6.82 -0.83
N ALA A 1163 -42.97 -7.49 -1.92
CA ALA A 1163 -42.42 -8.83 -1.89
C ALA A 1163 -41.37 -8.93 -3.00
N LYS A 1164 -40.97 -10.17 -3.30
CA LYS A 1164 -39.89 -10.42 -4.27
C LYS A 1164 -40.46 -10.31 -5.69
N LEU A 1165 -39.66 -10.76 -6.67
CA LEU A 1165 -40.03 -10.63 -8.07
C LEU A 1165 -41.34 -11.36 -8.37
N GLN A 1166 -42.18 -10.73 -9.19
CA GLN A 1166 -43.45 -11.30 -9.61
C GLN A 1166 -43.47 -11.62 -11.09
N SER A 1167 -43.13 -10.65 -11.95
CA SER A 1167 -43.25 -10.78 -13.39
C SER A 1167 -41.86 -10.83 -14.02
N ILE A 1168 -41.80 -11.44 -15.21
CA ILE A 1168 -40.56 -11.56 -15.96
C ILE A 1168 -40.90 -11.83 -17.42
N THR A 1169 -40.25 -11.11 -18.34
CA THR A 1169 -40.48 -11.28 -19.76
C THR A 1169 -39.22 -10.90 -20.52
N VAL A 1170 -39.04 -11.53 -21.68
CA VAL A 1170 -37.91 -11.24 -22.57
C VAL A 1170 -38.41 -11.24 -24.00
N ASN A 1171 -37.98 -10.23 -24.77
CA ASN A 1171 -38.42 -10.04 -26.15
C ASN A 1171 -39.94 -9.94 -26.26
N GLY A 1172 -40.59 -9.48 -25.18
CA GLY A 1172 -42.03 -9.48 -25.16
C GLY A 1172 -42.66 -10.84 -25.04
N LYS A 1173 -41.90 -11.85 -24.60
CA LYS A 1173 -42.40 -13.21 -24.47
C LYS A 1173 -41.93 -13.78 -23.14
N ALA A 1174 -42.56 -14.88 -22.74
CA ALA A 1174 -42.17 -15.55 -21.51
C ALA A 1174 -40.72 -16.04 -21.60
N LEU A 1175 -39.99 -15.87 -20.50
CA LEU A 1175 -38.57 -16.23 -20.45
C LEU A 1175 -38.45 -17.73 -20.20
N GLU A 1176 -38.10 -18.47 -21.25
CA GLU A 1176 -37.92 -19.91 -21.10
C GLU A 1176 -36.75 -20.21 -20.16
N GLY A 1177 -36.95 -21.21 -19.30
CA GLY A 1177 -35.94 -21.57 -18.33
C GLY A 1177 -35.88 -20.70 -17.10
N PHE A 1178 -36.79 -19.73 -16.96
CA PHE A 1178 -36.80 -18.85 -15.80
C PHE A 1178 -37.12 -19.63 -14.53
N ASP A 1179 -36.60 -19.14 -13.41
CA ASP A 1179 -36.93 -19.66 -12.09
C ASP A 1179 -36.32 -18.74 -11.05
N HIS A 1180 -36.99 -18.62 -9.90
CA HIS A 1180 -36.53 -17.73 -8.85
C HIS A 1180 -35.17 -18.15 -8.31
N ALA A 1181 -34.96 -19.45 -8.12
CA ALA A 1181 -33.76 -19.97 -7.49
C ALA A 1181 -32.69 -20.42 -8.48
N LYS A 1182 -33.06 -20.73 -9.72
CA LYS A 1182 -32.09 -21.23 -10.68
C LYS A 1182 -31.00 -20.19 -10.92
N LYS A 1183 -29.74 -20.62 -10.79
CA LYS A 1183 -28.63 -19.67 -10.79
C LYS A 1183 -28.43 -18.99 -12.15
N ASN A 1184 -28.94 -19.57 -13.23
CA ASN A 1184 -28.79 -18.97 -14.54
C ASN A 1184 -29.79 -19.60 -15.50
N TYR A 1185 -30.26 -18.80 -16.44
CA TYR A 1185 -31.19 -19.24 -17.48
C TYR A 1185 -30.43 -19.32 -18.79
N GLU A 1186 -30.45 -20.49 -19.42
CA GLU A 1186 -29.63 -20.75 -20.61
C GLU A 1186 -30.36 -20.25 -21.85
N LEU A 1187 -30.42 -18.92 -21.97
CA LEU A 1187 -31.04 -18.26 -23.12
C LEU A 1187 -29.94 -17.86 -24.09
N VAL A 1188 -29.43 -18.84 -24.82
CA VAL A 1188 -28.44 -18.60 -25.86
C VAL A 1188 -29.14 -18.21 -27.14
N LEU A 1189 -28.56 -17.24 -27.85
CA LEU A 1189 -29.19 -16.66 -29.03
C LEU A 1189 -28.55 -17.20 -30.31
N PRO A 1190 -29.32 -17.43 -31.38
CA PRO A 1190 -28.69 -17.69 -32.68
C PRO A 1190 -27.90 -16.49 -33.14
N TYR A 1191 -26.78 -16.75 -33.83
CA TYR A 1191 -26.00 -15.66 -34.37
C TYR A 1191 -26.82 -14.89 -35.40
N GLY A 1192 -26.67 -13.57 -35.40
CA GLY A 1192 -27.48 -12.70 -36.22
C GLY A 1192 -28.78 -12.26 -35.59
N SER A 1193 -29.10 -12.77 -34.40
CA SER A 1193 -30.29 -12.35 -33.67
C SER A 1193 -29.88 -11.29 -32.65
N GLU A 1194 -30.47 -10.10 -32.77
CA GLU A 1194 -30.06 -8.98 -31.93
C GLU A 1194 -30.37 -9.27 -30.46
N LEU A 1195 -29.64 -8.57 -29.59
CA LEU A 1195 -29.76 -8.83 -28.16
C LEU A 1195 -31.20 -8.53 -27.71
N PRO A 1196 -31.74 -9.30 -26.78
CA PRO A 1196 -33.16 -9.16 -26.44
C PRO A 1196 -33.40 -8.07 -25.40
N LYS A 1197 -34.59 -7.47 -25.48
CA LYS A 1197 -35.04 -6.57 -24.43
C LYS A 1197 -35.70 -7.37 -23.31
N ILE A 1198 -35.64 -6.81 -22.10
CA ILE A 1198 -36.10 -7.49 -20.90
C ILE A 1198 -36.98 -6.55 -20.10
N GLU A 1199 -38.06 -7.10 -19.54
CA GLU A 1199 -38.95 -6.36 -18.65
C GLU A 1199 -39.30 -7.25 -17.46
N ALA A 1200 -39.35 -6.66 -16.27
CA ALA A 1200 -39.70 -7.40 -15.06
C ALA A 1200 -40.19 -6.43 -14.01
N ALA A 1201 -40.83 -6.97 -12.99
CA ALA A 1201 -41.34 -6.18 -11.89
C ALA A 1201 -41.51 -7.07 -10.66
N ALA A 1202 -41.69 -6.43 -9.51
CA ALA A 1202 -41.91 -7.12 -8.25
C ALA A 1202 -43.32 -6.84 -7.74
N ALA A 1203 -43.78 -7.70 -6.83
CA ALA A 1203 -45.12 -7.55 -6.29
C ALA A 1203 -45.28 -6.20 -5.62
N ASP A 1204 -46.30 -5.45 -6.05
CA ASP A 1204 -46.54 -4.09 -5.57
C ASP A 1204 -45.33 -3.19 -5.84
N ASN A 1205 -44.53 -3.54 -6.84
CA ASN A 1205 -43.42 -2.71 -7.31
C ASN A 1205 -42.40 -2.43 -6.22
N ALA A 1206 -41.74 -3.49 -5.76
CA ALA A 1206 -40.46 -3.31 -5.08
C ALA A 1206 -39.43 -2.81 -6.09
N THR A 1207 -38.45 -2.06 -5.60
CA THR A 1207 -37.48 -1.43 -6.50
C THR A 1207 -36.63 -2.50 -7.18
N VAL A 1208 -36.71 -2.56 -8.50
CA VAL A 1208 -35.98 -3.54 -9.31
C VAL A 1208 -35.03 -2.78 -10.23
N THR A 1209 -33.77 -3.23 -10.25
CA THR A 1209 -32.73 -2.59 -11.08
C THR A 1209 -32.79 -3.18 -12.48
N ILE A 1210 -33.72 -2.64 -13.28
CA ILE A 1210 -33.94 -3.13 -14.63
C ILE A 1210 -32.73 -2.76 -15.49
N LEU A 1211 -31.97 -3.76 -15.91
CA LEU A 1211 -30.76 -3.56 -16.71
C LEU A 1211 -30.83 -4.46 -17.93
N PRO A 1212 -30.63 -3.94 -19.15
CA PRO A 1212 -30.61 -4.80 -20.33
C PRO A 1212 -29.31 -5.60 -20.41
N ALA A 1213 -29.25 -6.48 -21.39
CA ALA A 1213 -28.02 -7.20 -21.70
C ALA A 1213 -27.10 -6.33 -22.52
N PHE A 1214 -25.80 -6.37 -22.20
CA PHE A 1214 -24.83 -5.48 -22.82
C PHE A 1214 -23.52 -6.17 -23.22
N SER A 1215 -23.34 -7.45 -22.93
CA SER A 1215 -22.08 -8.14 -23.19
C SER A 1215 -22.31 -9.35 -24.08
N TYR A 1216 -21.44 -9.50 -25.08
CA TYR A 1216 -21.44 -10.73 -25.87
C TYR A 1216 -21.14 -11.95 -25.01
N PRO A 1217 -20.12 -11.95 -24.13
CA PRO A 1217 -19.97 -13.05 -23.17
C PRO A 1217 -20.73 -12.79 -21.88
N GLY A 1218 -20.60 -13.71 -20.91
CA GLY A 1218 -21.13 -13.46 -19.59
C GLY A 1218 -22.63 -13.72 -19.49
N THR A 1219 -23.29 -12.92 -18.65
CA THR A 1219 -24.70 -13.09 -18.35
C THR A 1219 -25.34 -11.72 -18.15
N ALA A 1220 -26.67 -11.70 -18.22
CA ALA A 1220 -27.47 -10.55 -17.86
C ALA A 1220 -28.31 -10.92 -16.64
N LYS A 1221 -28.32 -10.03 -15.63
CA LYS A 1221 -28.88 -10.35 -14.33
C LYS A 1221 -29.86 -9.30 -13.88
N LEU A 1222 -30.87 -9.76 -13.13
CA LEU A 1222 -31.90 -8.91 -12.54
C LEU A 1222 -31.90 -9.11 -11.04
N PHE A 1223 -32.14 -8.02 -10.31
CA PHE A 1223 -32.10 -8.02 -8.86
C PHE A 1223 -33.25 -7.18 -8.32
N VAL A 1224 -33.66 -7.48 -7.09
CA VAL A 1224 -34.76 -6.81 -6.42
C VAL A 1224 -34.26 -6.25 -5.10
N THR A 1225 -34.59 -4.99 -4.84
CA THR A 1225 -34.32 -4.37 -3.54
C THR A 1225 -35.58 -4.51 -2.70
N SER A 1226 -35.47 -5.20 -1.57
CA SER A 1226 -36.62 -5.54 -0.74
C SER A 1226 -36.35 -5.15 0.71
N GLU A 1227 -37.43 -4.96 1.45
CA GLU A 1227 -37.37 -4.56 2.87
C GLU A 1227 -36.60 -3.24 2.93
N ASP A 1228 -35.95 -2.97 4.07
CA ASP A 1228 -35.06 -1.82 4.21
C ASP A 1228 -33.61 -2.22 3.90
N GLY A 1229 -33.41 -2.84 2.75
CA GLY A 1229 -32.07 -3.18 2.30
C GLY A 1229 -31.43 -4.35 3.00
N LYS A 1230 -32.17 -5.11 3.80
CA LYS A 1230 -31.60 -6.24 4.51
C LYS A 1230 -31.62 -7.54 3.71
N VAL A 1231 -32.14 -7.52 2.48
CA VAL A 1231 -32.20 -8.72 1.65
C VAL A 1231 -32.27 -8.30 0.18
N THR A 1232 -31.85 -9.20 -0.70
CA THR A 1232 -31.98 -9.01 -2.13
C THR A 1232 -31.98 -10.36 -2.82
N THR A 1233 -32.63 -10.44 -3.97
CA THR A 1233 -32.78 -11.68 -4.72
C THR A 1233 -32.05 -11.57 -6.04
N GLU A 1234 -31.50 -12.69 -6.49
CA GLU A 1234 -30.65 -12.75 -7.68
C GLU A 1234 -31.32 -13.52 -8.81
N TYR A 1235 -31.26 -12.95 -10.00
CA TYR A 1235 -31.73 -13.60 -11.22
C TYR A 1235 -30.69 -13.36 -12.30
N SER A 1236 -30.49 -14.35 -13.16
CA SER A 1236 -29.42 -14.30 -14.16
C SER A 1236 -29.86 -14.98 -15.44
N ILE A 1237 -29.44 -14.41 -16.57
CA ILE A 1237 -29.76 -14.93 -17.90
C ILE A 1237 -28.46 -15.14 -18.66
N GLY A 1238 -28.35 -16.28 -19.33
CA GLY A 1238 -27.16 -16.61 -20.11
C GLY A 1238 -27.20 -16.07 -21.53
N VAL A 1239 -27.00 -14.77 -21.68
CA VAL A 1239 -27.10 -14.13 -22.98
C VAL A 1239 -25.78 -14.30 -23.73
N SER A 1240 -25.84 -14.94 -24.89
CA SER A 1240 -24.69 -15.08 -25.78
C SER A 1240 -25.21 -15.57 -27.13
N THR A 1241 -24.36 -15.46 -28.14
CA THR A 1241 -24.73 -15.88 -29.50
C THR A 1241 -24.13 -17.23 -29.82
N GLU A 1242 -24.90 -18.06 -30.50
CA GLU A 1242 -24.44 -19.38 -30.91
C GLU A 1242 -23.35 -19.25 -31.97
N GLU A 1243 -22.84 -20.38 -32.43
CA GLU A 1243 -21.80 -20.37 -33.44
C GLU A 1243 -22.34 -19.77 -34.74
N PRO A 1244 -21.49 -19.10 -35.54
CA PRO A 1244 -21.98 -18.46 -36.76
C PRO A 1244 -22.26 -19.46 -37.88
#